data_5KNY
#
_entry.id   5KNY
#
_cell.length_a   54.523
_cell.length_b   86.075
_cell.length_c   79.824
_cell.angle_alpha   90.000
_cell.angle_beta   105.950
_cell.angle_gamma   90.000
#
_symmetry.space_group_name_H-M   'P 1 21 1'
#
loop_
_entity.id
_entity.type
_entity.pdbx_description
1 polymer 'Hypoxanthine-guanine phosphoribosyltransferase'
2 non-polymer '[3-[(3~{R},4~{R})-3-(2-azanyl-6-oxidanylidene-1~{H}-purin-9-yl)-4-[(2~{S})-2-oxidanyl-2-phosphono-ethoxy]pyrrolidin-1-y l]-3-oxidanylidene-propyl]phosphonic acid'
3 non-polymer 'MAGNESIUM ION'
4 water water
#
_entity_poly.entity_id   1
_entity_poly.type   'polypeptide(L)'
_entity_poly.pdbx_seq_one_letter_code
;HHHHHHHVTQSSSAITPGQTAELYPGDIKSVLLTAEQIQARIAELGEQIGNDYRELSATTGQDLLLITVLKGAVLFVTDL
ARAIPVPTQFEFMAVSSYGSSTSSSGVVRILKDLDRDIHGRDVLIVEDVVDSGLTLSWLSRNLTSRNPRSLRVCTLLRKP
DAVHANVEIAYVGFDIPNDFVVGYGLDYDERYRDLSYIGTLDPRVYQ
;
_entity_poly.pdbx_strand_id   A,B,C,D
#
# COMPACT_ATOMS: atom_id res chain seq x y z
N GLU A 22 37.53 5.06 -8.44
CA GLU A 22 36.26 4.74 -9.10
C GLU A 22 35.21 4.27 -8.09
N LEU A 23 34.02 3.97 -8.59
CA LEU A 23 32.93 3.47 -7.76
C LEU A 23 32.67 1.99 -8.04
N TYR A 24 32.61 1.65 -9.32
CA TYR A 24 32.43 0.27 -9.75
C TYR A 24 33.50 -0.14 -10.74
N PRO A 25 34.69 -0.50 -10.24
CA PRO A 25 35.86 -0.83 -11.07
C PRO A 25 35.62 -2.01 -12.02
N GLY A 26 35.32 -1.70 -13.28
CA GLY A 26 35.19 -2.70 -14.31
C GLY A 26 33.76 -3.04 -14.70
N ASP A 27 32.81 -2.23 -14.26
CA ASP A 27 31.42 -2.44 -14.61
C ASP A 27 30.99 -1.41 -15.63
N ILE A 28 31.54 -0.20 -15.49
CA ILE A 28 31.25 0.86 -16.44
C ILE A 28 32.29 0.82 -17.55
N LYS A 29 31.86 0.40 -18.73
CA LYS A 29 32.74 0.34 -19.88
C LYS A 29 32.89 1.71 -20.52
N SER A 30 31.77 2.35 -20.81
CA SER A 30 31.79 3.65 -21.46
C SER A 30 30.85 4.61 -20.72
N VAL A 31 31.14 5.89 -20.81
CA VAL A 31 30.30 6.91 -20.19
C VAL A 31 29.49 7.63 -21.25
N LEU A 32 28.16 7.49 -21.19
CA LEU A 32 27.29 8.10 -22.17
C LEU A 32 27.15 9.60 -21.89
N LEU A 33 26.78 9.92 -20.65
CA LEU A 33 26.65 11.30 -20.23
C LEU A 33 27.42 11.54 -18.93
N THR A 34 28.25 12.57 -18.92
CA THR A 34 29.02 12.90 -17.72
C THR A 34 28.15 13.69 -16.75
N ALA A 35 28.58 13.74 -15.49
CA ALA A 35 27.82 14.42 -14.44
C ALA A 35 27.60 15.90 -14.75
N GLU A 36 28.63 16.57 -15.25
CA GLU A 36 28.54 17.98 -15.56
C GLU A 36 27.59 18.26 -16.73
N GLN A 37 27.57 17.34 -17.69
CA GLN A 37 26.68 17.47 -18.86
C GLN A 37 25.22 17.31 -18.45
N ILE A 38 24.98 16.43 -17.48
CA ILE A 38 23.63 16.20 -16.97
C ILE A 38 23.09 17.43 -16.25
N GLN A 39 23.88 17.95 -15.32
CA GLN A 39 23.46 19.10 -14.52
C GLN A 39 23.28 20.34 -15.40
N ALA A 40 24.09 20.46 -16.44
CA ALA A 40 23.99 21.57 -17.37
C ALA A 40 22.67 21.54 -18.13
N ARG A 41 22.27 20.34 -18.54
CA ARG A 41 21.01 20.16 -19.27
C ARG A 41 19.80 20.33 -18.37
N ILE A 42 19.89 19.81 -17.15
CA ILE A 42 18.81 19.96 -16.17
C ILE A 42 18.62 21.44 -15.86
N ALA A 43 19.73 22.17 -15.81
CA ALA A 43 19.68 23.61 -15.60
C ALA A 43 18.88 24.29 -16.71
N GLU A 44 19.03 23.79 -17.93
CA GLU A 44 18.28 24.31 -19.06
C GLU A 44 16.82 23.88 -18.98
N LEU A 45 16.59 22.64 -18.58
CA LEU A 45 15.22 22.13 -18.43
C LEU A 45 14.48 22.88 -17.34
N GLY A 46 15.17 23.14 -16.24
CA GLY A 46 14.59 23.88 -15.13
C GLY A 46 14.22 25.28 -15.55
N GLU A 47 15.12 25.92 -16.29
CA GLU A 47 14.90 27.28 -16.78
C GLU A 47 13.75 27.33 -17.80
N GLN A 48 13.68 26.33 -18.66
CA GLN A 48 12.63 26.25 -19.67
C GLN A 48 11.26 26.01 -19.06
N ILE A 49 11.18 25.07 -18.13
CA ILE A 49 9.95 24.76 -17.43
C ILE A 49 9.46 25.93 -16.60
N GLY A 50 10.39 26.63 -15.95
CA GLY A 50 10.06 27.78 -15.13
C GLY A 50 9.36 28.90 -15.89
N ASN A 51 9.70 29.04 -17.17
CA ASN A 51 9.10 30.08 -18.00
C ASN A 51 7.72 29.68 -18.51
N ASP A 52 7.55 28.39 -18.78
CA ASP A 52 6.27 27.88 -19.28
C ASP A 52 5.20 27.87 -18.19
N TYR A 53 5.63 27.73 -16.94
CA TYR A 53 4.70 27.74 -15.82
C TYR A 53 4.86 29.00 -14.97
N ARG A 54 5.24 30.10 -15.62
CA ARG A 54 5.41 31.37 -14.94
C ARG A 54 4.06 32.03 -14.64
N GLY A 61 -4.80 29.20 -8.24
CA GLY A 61 -3.42 29.00 -8.65
C GLY A 61 -2.51 28.64 -7.50
N GLN A 62 -1.85 27.50 -7.61
CA GLN A 62 -0.90 27.06 -6.59
C GLN A 62 0.47 26.77 -7.20
N ASP A 63 1.17 25.79 -6.65
CA ASP A 63 2.52 25.49 -7.11
C ASP A 63 2.51 24.45 -8.22
N LEU A 64 3.67 24.23 -8.83
CA LEU A 64 3.84 23.20 -9.84
C LEU A 64 4.05 21.86 -9.17
N LEU A 65 3.17 20.90 -9.47
CA LEU A 65 3.28 19.60 -8.82
C LEU A 65 4.12 18.64 -9.66
N LEU A 66 5.20 18.14 -9.06
CA LEU A 66 6.08 17.20 -9.73
C LEU A 66 5.80 15.78 -9.26
N ILE A 67 5.11 15.02 -10.10
CA ILE A 67 4.80 13.63 -9.77
C ILE A 67 5.89 12.70 -10.29
N THR A 68 6.47 11.93 -9.37
CA THR A 68 7.60 11.08 -9.69
C THR A 68 7.27 9.61 -9.42
N VAL A 69 7.67 8.74 -10.34
CA VAL A 69 7.48 7.30 -10.13
C VAL A 69 8.71 6.69 -9.49
N LEU A 70 8.53 6.10 -8.31
CA LEU A 70 9.62 5.46 -7.61
C LEU A 70 10.19 4.31 -8.44
N LYS A 71 11.52 4.16 -8.42
CA LYS A 71 12.40 5.04 -7.65
C LYS A 71 13.59 5.50 -8.48
N GLY A 72 13.50 5.35 -9.80
CA GLY A 72 14.59 5.71 -10.68
C GLY A 72 14.76 7.21 -10.84
N ALA A 73 13.65 7.93 -10.86
CA ALA A 73 13.69 9.37 -11.14
C ALA A 73 13.80 10.24 -9.88
N VAL A 74 14.23 9.65 -8.76
CA VAL A 74 14.34 10.42 -7.53
C VAL A 74 15.55 11.35 -7.54
N LEU A 75 16.66 10.90 -8.12
CA LEU A 75 17.84 11.75 -8.23
C LEU A 75 17.59 12.87 -9.23
N PHE A 76 16.79 12.58 -10.24
CA PHE A 76 16.51 13.54 -11.30
C PHE A 76 15.56 14.64 -10.85
N VAL A 77 14.54 14.28 -10.09
CA VAL A 77 13.53 15.25 -9.68
C VAL A 77 14.07 16.20 -8.61
N THR A 78 14.99 15.73 -7.78
CA THR A 78 15.58 16.55 -6.73
C THR A 78 16.47 17.63 -7.34
N ASP A 79 17.11 17.30 -8.46
CA ASP A 79 17.96 18.26 -9.15
C ASP A 79 17.11 19.14 -10.05
N LEU A 80 16.06 18.56 -10.61
CA LEU A 80 15.16 19.28 -11.50
C LEU A 80 14.41 20.39 -10.76
N ALA A 81 13.86 20.04 -9.61
CA ALA A 81 13.10 21.00 -8.81
C ALA A 81 13.98 22.16 -8.35
N ARG A 82 15.25 21.88 -8.09
CA ARG A 82 16.19 22.92 -7.67
C ARG A 82 16.74 23.67 -8.88
N ALA A 83 16.30 23.26 -10.06
CA ALA A 83 16.65 23.95 -11.30
C ALA A 83 15.48 24.78 -11.79
N ILE A 84 14.29 24.48 -11.29
CA ILE A 84 13.07 25.20 -11.64
C ILE A 84 12.87 26.43 -10.75
N PRO A 85 12.88 27.63 -11.36
CA PRO A 85 12.81 28.91 -10.65
C PRO A 85 11.43 29.23 -10.07
N VAL A 86 10.41 28.45 -10.41
CA VAL A 86 9.10 28.63 -9.81
C VAL A 86 8.87 27.56 -8.74
N PRO A 87 8.15 27.90 -7.67
CA PRO A 87 7.87 26.98 -6.55
C PRO A 87 7.27 25.64 -7.00
N THR A 88 7.83 24.54 -6.52
CA THR A 88 7.37 23.21 -6.91
C THR A 88 7.06 22.34 -5.69
N GLN A 89 6.06 21.47 -5.82
CA GLN A 89 5.72 20.53 -4.77
C GLN A 89 6.06 19.10 -5.21
N PHE A 90 6.24 18.21 -4.25
CA PHE A 90 6.65 16.85 -4.55
C PHE A 90 5.55 15.82 -4.32
N GLU A 91 5.55 14.79 -5.17
CA GLU A 91 4.63 13.67 -5.02
C GLU A 91 5.25 12.40 -5.61
N PHE A 92 5.10 11.28 -4.91
CA PHE A 92 5.74 10.04 -5.32
C PHE A 92 4.74 8.88 -5.42
N MET A 93 4.94 8.05 -6.45
CA MET A 93 4.13 6.85 -6.62
C MET A 93 5.02 5.60 -6.67
N ALA A 94 4.51 4.51 -6.12
CA ALA A 94 5.19 3.21 -6.24
C ALA A 94 4.31 2.24 -7.02
N VAL A 95 4.81 1.78 -8.16
CA VAL A 95 4.05 0.86 -9.00
C VAL A 95 4.82 -0.43 -9.24
N SER A 96 4.08 -1.51 -9.46
CA SER A 96 4.68 -2.81 -9.75
C SER A 96 4.03 -3.42 -10.98
N SER A 97 4.76 -4.28 -11.66
CA SER A 97 4.27 -4.93 -12.87
C SER A 97 3.48 -6.18 -12.54
N TYR A 98 2.41 -6.42 -13.28
CA TYR A 98 1.60 -7.63 -13.13
C TYR A 98 2.24 -8.84 -13.80
N GLY A 99 3.17 -8.59 -14.72
CA GLY A 99 3.86 -9.67 -15.40
C GLY A 99 4.35 -9.34 -16.79
N SER A 100 4.25 -10.30 -17.70
CA SER A 100 4.78 -10.15 -19.05
C SER A 100 3.75 -9.57 -20.01
N SER A 104 1.15 -5.63 -21.22
CA SER A 104 0.53 -5.54 -22.55
C SER A 104 -0.08 -4.16 -22.76
N SER A 105 -0.89 -3.73 -21.81
CA SER A 105 -1.58 -2.46 -21.92
C SER A 105 -0.87 -1.36 -21.13
N GLY A 106 0.17 -1.74 -20.39
CA GLY A 106 0.88 -0.79 -19.58
C GLY A 106 0.26 -0.69 -18.19
N VAL A 107 -0.77 -1.50 -17.95
CA VAL A 107 -1.41 -1.53 -16.64
C VAL A 107 -0.46 -2.07 -15.57
N VAL A 108 -0.26 -1.26 -14.54
CA VAL A 108 0.64 -1.60 -13.44
C VAL A 108 -0.12 -1.62 -12.13
N ARG A 109 0.40 -2.36 -11.17
CA ARG A 109 -0.22 -2.43 -9.84
C ARG A 109 0.24 -1.23 -9.03
N ILE A 110 -0.67 -0.64 -8.27
CA ILE A 110 -0.32 0.53 -7.46
C ILE A 110 0.00 0.12 -6.03
N LEU A 111 1.23 0.41 -5.62
CA LEU A 111 1.70 0.10 -4.29
C LEU A 111 1.67 1.34 -3.41
N LYS A 112 1.78 2.50 -4.05
CA LYS A 112 1.70 3.78 -3.37
C LYS A 112 1.05 4.82 -4.28
N ASP A 113 -0.17 5.23 -3.92
CA ASP A 113 -0.91 6.22 -4.69
C ASP A 113 -0.51 7.62 -4.26
N LEU A 114 -1.09 8.62 -4.91
CA LEU A 114 -0.85 10.01 -4.57
C LEU A 114 -1.37 10.29 -3.15
N ASP A 115 -0.71 11.17 -2.42
CA ASP A 115 -1.16 11.53 -1.08
C ASP A 115 -2.39 12.42 -1.13
N ARG A 116 -2.45 13.29 -2.15
CA ARG A 116 -3.54 14.23 -2.28
C ARG A 116 -4.16 14.15 -3.68
N ASP A 117 -5.35 14.75 -3.84
CA ASP A 117 -5.99 14.80 -5.15
C ASP A 117 -5.40 15.92 -5.99
N ILE A 118 -5.28 15.70 -7.29
CA ILE A 118 -4.64 16.67 -8.17
C ILE A 118 -5.65 17.46 -9.00
N HIS A 119 -6.88 17.56 -8.50
CA HIS A 119 -7.94 18.32 -9.17
C HIS A 119 -7.60 19.81 -9.28
N GLY A 120 -7.54 20.32 -10.50
CA GLY A 120 -7.28 21.72 -10.74
C GLY A 120 -5.84 22.10 -10.45
N ARG A 121 -4.98 21.10 -10.48
CA ARG A 121 -3.57 21.28 -10.16
C ARG A 121 -2.75 21.21 -11.45
N ASP A 122 -1.68 22.01 -11.53
CA ASP A 122 -0.76 21.90 -12.66
C ASP A 122 0.26 20.80 -12.39
N VAL A 123 0.15 19.71 -13.13
CA VAL A 123 0.92 18.52 -12.84
C VAL A 123 1.98 18.25 -13.90
N LEU A 124 3.19 17.96 -13.45
CA LEU A 124 4.28 17.60 -14.34
C LEU A 124 4.81 16.21 -14.00
N ILE A 125 4.55 15.24 -14.87
CA ILE A 125 5.07 13.89 -14.67
C ILE A 125 6.56 13.87 -14.93
N VAL A 126 7.32 13.45 -13.93
CA VAL A 126 8.77 13.42 -14.03
C VAL A 126 9.26 11.98 -14.18
N GLU A 127 9.78 11.67 -15.37
CA GLU A 127 10.29 10.34 -15.66
C GLU A 127 11.80 10.32 -15.68
N ASP A 128 12.35 9.12 -15.53
CA ASP A 128 13.80 8.95 -15.57
C ASP A 128 14.23 8.52 -16.97
N VAL A 129 13.43 7.65 -17.58
CA VAL A 129 13.70 7.15 -18.93
C VAL A 129 12.37 6.77 -19.59
N VAL A 130 12.21 7.14 -20.86
CA VAL A 130 11.05 6.70 -21.61
C VAL A 130 11.50 5.79 -22.75
N ASP A 131 11.19 4.50 -22.62
CA ASP A 131 11.61 3.51 -23.60
C ASP A 131 10.44 3.14 -24.51
N SER A 132 9.58 2.26 -24.02
CA SER A 132 8.42 1.82 -24.81
C SER A 132 7.30 2.86 -24.78
N GLY A 133 7.07 3.43 -23.60
CA GLY A 133 6.03 4.44 -23.45
C GLY A 133 4.69 3.88 -22.99
N LEU A 134 4.68 2.63 -22.55
CA LEU A 134 3.42 1.96 -22.20
C LEU A 134 3.01 2.18 -20.75
N THR A 135 3.98 2.14 -19.84
CA THR A 135 3.71 2.43 -18.44
C THR A 135 3.41 3.92 -18.26
N LEU A 136 4.05 4.75 -19.09
CA LEU A 136 3.83 6.19 -19.05
C LEU A 136 2.44 6.56 -19.57
N SER A 137 1.96 5.82 -20.57
CA SER A 137 0.65 6.07 -21.16
C SER A 137 -0.47 5.74 -20.19
N TRP A 138 -0.33 4.62 -19.48
CA TRP A 138 -1.33 4.22 -18.50
C TRP A 138 -1.31 5.24 -17.36
N LEU A 139 -0.11 5.67 -16.99
CA LEU A 139 0.04 6.66 -15.93
C LEU A 139 -0.55 8.02 -16.31
N SER A 140 -0.22 8.47 -17.52
CA SER A 140 -0.67 9.78 -18.00
C SER A 140 -2.19 9.83 -18.10
N ARG A 141 -2.77 8.73 -18.58
CA ARG A 141 -4.22 8.64 -18.71
C ARG A 141 -4.88 8.49 -17.33
N ASN A 142 -4.20 7.82 -16.43
CA ASN A 142 -4.69 7.64 -15.06
C ASN A 142 -4.76 8.96 -14.31
N LEU A 143 -3.70 9.77 -14.43
CA LEU A 143 -3.66 11.05 -13.75
C LEU A 143 -4.62 12.04 -14.40
N THR A 144 -4.87 11.85 -15.69
CA THR A 144 -5.80 12.70 -16.42
C THR A 144 -7.21 12.49 -15.91
N SER A 145 -7.49 11.25 -15.49
CA SER A 145 -8.81 10.90 -14.96
C SER A 145 -9.11 11.61 -13.64
N ARG A 146 -8.07 12.10 -12.98
CA ARG A 146 -8.23 12.86 -11.75
C ARG A 146 -8.51 14.34 -12.04
N ASN A 147 -8.55 14.67 -13.33
CA ASN A 147 -8.89 16.01 -13.80
C ASN A 147 -7.98 17.11 -13.25
N PRO A 148 -6.72 17.16 -13.71
CA PRO A 148 -5.84 18.27 -13.35
C PRO A 148 -6.06 19.46 -14.28
N ARG A 149 -5.53 20.63 -13.90
CA ARG A 149 -5.62 21.79 -14.77
C ARG A 149 -4.69 21.60 -15.95
N SER A 150 -3.49 21.09 -15.67
CA SER A 150 -2.49 20.81 -16.69
C SER A 150 -1.77 19.51 -16.38
N LEU A 151 -1.35 18.80 -17.44
CA LEU A 151 -0.63 17.55 -17.26
C LEU A 151 0.43 17.41 -18.35
N ARG A 152 1.69 17.53 -17.96
CA ARG A 152 2.80 17.37 -18.89
C ARG A 152 3.81 16.34 -18.40
N VAL A 153 4.67 15.87 -19.30
CA VAL A 153 5.65 14.85 -18.96
C VAL A 153 7.07 15.34 -19.18
N CYS A 154 7.92 15.19 -18.17
CA CYS A 154 9.34 15.54 -18.29
C CYS A 154 10.24 14.34 -17.99
N THR A 155 11.00 13.92 -18.99
CA THR A 155 11.93 12.82 -18.81
C THR A 155 13.37 13.25 -19.11
N LEU A 156 14.31 12.66 -18.38
CA LEU A 156 15.72 12.96 -18.60
C LEU A 156 16.21 12.27 -19.88
N LEU A 157 15.83 11.01 -20.06
CA LEU A 157 16.28 10.22 -21.20
C LEU A 157 15.12 9.66 -22.02
N ARG A 158 15.29 9.58 -23.33
CA ARG A 158 14.28 9.00 -24.21
C ARG A 158 14.93 8.10 -25.25
N LYS A 159 14.45 6.86 -25.34
CA LYS A 159 14.97 5.87 -26.28
C LYS A 159 14.21 5.89 -27.62
N PRO A 160 14.81 5.37 -28.70
CA PRO A 160 14.24 5.43 -30.05
C PRO A 160 12.85 4.80 -30.20
N ASP A 161 12.54 3.80 -29.38
CA ASP A 161 11.28 3.07 -29.49
C ASP A 161 10.12 3.80 -28.80
N ALA A 162 10.41 5.00 -28.32
CA ALA A 162 9.41 5.84 -27.66
C ALA A 162 8.57 6.58 -28.70
N VAL A 163 9.05 6.62 -29.94
CA VAL A 163 8.30 7.25 -31.04
C VAL A 163 6.97 6.53 -31.28
N HIS A 164 6.79 5.36 -30.67
CA HIS A 164 5.59 4.57 -30.90
C HIS A 164 4.75 4.58 -29.65
N ALA A 165 5.05 5.51 -28.75
CA ALA A 165 4.30 5.59 -27.50
C ALA A 165 3.06 6.43 -27.73
N ASN A 166 2.19 6.45 -26.72
CA ASN A 166 0.92 7.14 -26.86
C ASN A 166 0.93 8.52 -26.19
N VAL A 167 2.08 8.88 -25.63
CA VAL A 167 2.22 10.13 -24.89
C VAL A 167 3.06 11.20 -25.58
N GLU A 168 2.62 12.45 -25.45
CA GLU A 168 3.38 13.60 -25.93
C GLU A 168 4.30 14.06 -24.81
N ILE A 169 5.61 13.94 -25.04
CA ILE A 169 6.60 14.37 -24.06
C ILE A 169 7.13 15.77 -24.36
N ALA A 170 6.66 16.76 -23.59
CA ALA A 170 7.01 18.15 -23.84
C ALA A 170 8.47 18.48 -23.51
N TYR A 171 9.01 17.84 -22.47
CA TYR A 171 10.37 18.14 -22.03
C TYR A 171 11.24 16.90 -22.03
N VAL A 172 12.27 16.92 -22.87
CA VAL A 172 13.22 15.82 -22.94
C VAL A 172 14.63 16.34 -22.67
N GLY A 173 15.35 15.67 -21.75
CA GLY A 173 16.71 16.06 -21.44
C GLY A 173 17.65 15.58 -22.52
N PHE A 174 17.64 14.26 -22.75
CA PHE A 174 18.49 13.66 -23.78
C PHE A 174 17.78 12.55 -24.54
N ASP A 175 18.04 12.48 -25.84
CA ASP A 175 17.63 11.34 -26.64
C ASP A 175 18.83 10.42 -26.81
N ILE A 176 18.73 9.25 -26.20
CA ILE A 176 19.84 8.29 -26.18
C ILE A 176 19.51 7.06 -27.04
N PRO A 177 20.55 6.36 -27.52
CA PRO A 177 20.35 5.11 -28.28
C PRO A 177 19.73 4.00 -27.42
N ASN A 178 19.30 2.93 -28.07
CA ASN A 178 18.65 1.83 -27.37
C ASN A 178 19.69 0.85 -26.82
N ASP A 179 20.51 1.33 -25.87
CA ASP A 179 21.44 0.46 -25.16
C ASP A 179 21.14 0.56 -23.67
N PHE A 180 21.39 -0.52 -22.95
CA PHE A 180 21.07 -0.56 -21.54
C PHE A 180 22.08 0.27 -20.75
N VAL A 181 21.61 1.36 -20.15
CA VAL A 181 22.47 2.28 -19.42
C VAL A 181 22.11 2.33 -17.93
N VAL A 182 23.12 2.54 -17.10
CA VAL A 182 22.91 2.68 -15.67
C VAL A 182 23.47 4.01 -15.18
N GLY A 183 23.15 4.36 -13.93
CA GLY A 183 23.65 5.60 -13.36
C GLY A 183 22.58 6.67 -13.23
N TYR A 184 22.74 7.52 -12.22
CA TYR A 184 21.81 8.62 -11.96
C TYR A 184 20.38 8.12 -11.82
N GLY A 185 20.18 7.15 -10.93
CA GLY A 185 18.87 6.59 -10.68
C GLY A 185 18.63 5.28 -11.40
N LEU A 186 19.20 5.15 -12.59
CA LEU A 186 19.08 3.93 -13.38
C LEU A 186 19.87 2.79 -12.75
N ASP A 187 19.27 1.60 -12.68
CA ASP A 187 19.87 0.49 -11.96
C ASP A 187 20.05 -0.79 -12.78
N TYR A 188 20.84 -1.68 -12.23
CA TYR A 188 20.89 -3.08 -12.66
C TYR A 188 20.91 -3.95 -11.42
N ASP A 189 19.78 -4.61 -11.14
CA ASP A 189 19.58 -5.35 -9.90
C ASP A 189 19.81 -4.41 -8.72
N GLU A 190 19.15 -3.26 -8.78
CA GLU A 190 19.15 -2.25 -7.72
C GLU A 190 20.52 -1.61 -7.46
N ARG A 191 21.46 -1.78 -8.38
CA ARG A 191 22.78 -1.17 -8.18
C ARG A 191 23.05 -0.07 -9.20
N TYR A 192 24.18 0.62 -9.03
CA TYR A 192 24.59 1.71 -9.92
C TYR A 192 23.66 2.92 -9.90
N ARG A 193 22.71 2.95 -8.97
CA ARG A 193 21.78 4.08 -8.87
C ARG A 193 22.51 5.33 -8.37
N ASP A 194 23.51 5.13 -7.53
CA ASP A 194 24.22 6.22 -6.86
C ASP A 194 25.25 6.90 -7.74
N LEU A 195 25.38 6.44 -8.98
CA LEU A 195 26.30 7.06 -9.93
C LEU A 195 25.83 8.47 -10.28
N SER A 196 26.78 9.39 -10.45
CA SER A 196 26.45 10.77 -10.80
C SER A 196 26.44 10.95 -12.31
N TYR A 197 26.91 9.93 -13.03
CA TYR A 197 26.94 9.97 -14.48
C TYR A 197 26.16 8.80 -15.07
N ILE A 198 25.90 8.86 -16.37
CA ILE A 198 25.17 7.80 -17.04
C ILE A 198 26.06 7.13 -18.08
N GLY A 199 26.21 5.82 -17.97
CA GLY A 199 27.10 5.09 -18.84
C GLY A 199 26.60 3.69 -19.17
N THR A 200 27.38 2.97 -19.97
CA THR A 200 26.99 1.64 -20.42
C THR A 200 27.73 0.56 -19.64
N LEU A 201 27.04 -0.54 -19.37
CA LEU A 201 27.61 -1.64 -18.60
C LEU A 201 28.52 -2.56 -19.42
N ASP A 202 29.33 -3.32 -18.70
CA ASP A 202 30.25 -4.30 -19.28
C ASP A 202 29.55 -5.65 -19.35
N PRO A 203 29.39 -6.21 -20.56
CA PRO A 203 28.54 -7.40 -20.71
C PRO A 203 28.90 -8.58 -19.81
N ARG A 204 30.03 -8.53 -19.12
CA ARG A 204 30.33 -9.57 -18.14
C ARG A 204 29.75 -9.18 -16.78
N VAL A 205 28.61 -8.48 -16.81
CA VAL A 205 27.85 -8.14 -15.61
C VAL A 205 26.52 -8.87 -15.67
N TYR A 206 26.02 -9.04 -16.89
CA TYR A 206 24.74 -9.69 -17.12
C TYR A 206 24.84 -11.19 -16.83
N ALA B 21 17.31 34.98 -7.50
CA ALA B 21 16.21 34.07 -7.25
C ALA B 21 15.50 34.39 -5.94
N GLU B 22 14.42 33.66 -5.66
CA GLU B 22 13.64 33.88 -4.44
C GLU B 22 12.69 32.72 -4.14
N LEU B 23 11.67 32.59 -5.00
CA LEU B 23 10.63 31.54 -4.95
C LEU B 23 9.54 31.83 -3.91
N TYR B 24 9.94 32.16 -2.69
CA TYR B 24 8.96 32.47 -1.65
C TYR B 24 9.25 33.82 -0.99
N PRO B 25 8.88 34.92 -1.66
CA PRO B 25 9.17 36.28 -1.21
C PRO B 25 8.52 36.66 0.13
N GLY B 26 9.27 36.57 1.22
CA GLY B 26 8.79 37.03 2.51
C GLY B 26 8.39 35.95 3.49
N ASP B 27 8.15 34.74 2.99
CA ASP B 27 7.74 33.63 3.84
C ASP B 27 8.88 33.21 4.77
N ILE B 28 10.11 33.34 4.29
CA ILE B 28 11.27 33.00 5.10
C ILE B 28 11.75 34.23 5.85
N LYS B 29 11.60 34.21 7.17
CA LYS B 29 12.00 35.33 8.01
C LYS B 29 13.50 35.36 8.21
N SER B 30 14.05 34.22 8.64
CA SER B 30 15.48 34.12 8.91
C SER B 30 16.06 32.87 8.26
N VAL B 31 17.35 32.91 7.96
CA VAL B 31 18.03 31.78 7.34
C VAL B 31 18.88 31.02 8.34
N LEU B 32 18.51 29.77 8.59
CA LEU B 32 19.21 28.92 9.53
C LEU B 32 20.50 28.34 8.95
N LEU B 33 20.35 27.66 7.81
CA LEU B 33 21.48 27.05 7.13
C LEU B 33 21.49 27.40 5.65
N THR B 34 22.63 27.85 5.13
CA THR B 34 22.74 28.19 3.72
C THR B 34 22.91 26.92 2.89
N ALA B 35 22.64 27.01 1.59
CA ALA B 35 22.72 25.86 0.70
C ALA B 35 24.13 25.27 0.64
N GLU B 36 25.15 26.13 0.63
CA GLU B 36 26.53 25.68 0.59
C GLU B 36 26.94 24.98 1.88
N GLN B 37 26.46 25.51 3.00
CA GLN B 37 26.78 24.95 4.31
C GLN B 37 26.17 23.56 4.47
N ILE B 38 25.00 23.37 3.87
CA ILE B 38 24.34 22.08 3.88
C ILE B 38 25.15 21.06 3.08
N GLN B 39 25.50 21.43 1.85
CA GLN B 39 26.23 20.54 0.96
C GLN B 39 27.63 20.24 1.48
N ALA B 40 28.24 21.22 2.14
CA ALA B 40 29.57 21.05 2.71
C ALA B 40 29.55 20.02 3.83
N ARG B 41 28.50 20.04 4.63
CA ARG B 41 28.35 19.11 5.74
C ARG B 41 28.07 17.71 5.21
N ILE B 42 27.27 17.63 4.15
CA ILE B 42 26.95 16.36 3.51
C ILE B 42 28.20 15.69 2.96
N ALA B 43 29.09 16.51 2.40
CA ALA B 43 30.38 16.02 1.91
C ALA B 43 31.20 15.42 3.04
N GLU B 44 31.09 16.02 4.22
CA GLU B 44 31.79 15.55 5.41
C GLU B 44 31.18 14.24 5.90
N LEU B 45 29.87 14.15 5.85
CA LEU B 45 29.15 12.95 6.27
C LEU B 45 29.48 11.77 5.36
N GLY B 46 29.58 12.05 4.07
CA GLY B 46 29.88 11.01 3.10
C GLY B 46 31.24 10.39 3.35
N GLU B 47 32.24 11.22 3.63
CA GLU B 47 33.58 10.73 3.91
C GLU B 47 33.59 9.93 5.21
N GLN B 48 32.83 10.41 6.19
CA GLN B 48 32.73 9.73 7.48
C GLN B 48 32.02 8.39 7.32
N ILE B 49 30.88 8.41 6.64
CA ILE B 49 30.14 7.18 6.36
C ILE B 49 30.96 6.29 5.46
N GLY B 50 31.62 6.90 4.48
CA GLY B 50 32.47 6.18 3.55
C GLY B 50 33.60 5.45 4.25
N ASN B 51 34.11 6.02 5.34
CA ASN B 51 35.18 5.38 6.08
C ASN B 51 34.66 4.31 7.03
N ASP B 52 33.49 4.53 7.60
CA ASP B 52 32.89 3.55 8.50
C ASP B 52 32.36 2.35 7.73
N TYR B 53 31.93 2.58 6.50
CA TYR B 53 31.40 1.51 5.66
C TYR B 53 32.31 1.23 4.48
N ARG B 54 33.62 1.46 4.66
CA ARG B 54 34.60 1.19 3.63
C ARG B 54 34.81 -0.31 3.58
N GLU B 55 35.94 -0.73 4.14
CA GLU B 55 36.32 -2.14 4.32
C GLU B 55 35.18 -3.15 4.23
N LEU B 56 34.22 -3.03 5.12
CA LEU B 56 33.12 -4.00 5.24
C LEU B 56 32.27 -4.26 3.98
N SER B 57 31.36 -3.34 3.69
CA SER B 57 30.28 -3.57 2.71
C SER B 57 30.64 -4.05 1.31
N ALA B 58 31.72 -3.54 0.73
CA ALA B 58 32.08 -3.89 -0.64
C ALA B 58 32.71 -5.29 -0.75
N THR B 59 33.10 -5.82 0.39
CA THR B 59 33.74 -7.13 0.48
C THR B 59 32.66 -8.13 0.84
N THR B 60 31.77 -7.73 1.75
CA THR B 60 30.57 -8.49 2.07
C THR B 60 29.86 -8.95 0.78
N GLY B 61 29.94 -8.12 -0.27
CA GLY B 61 29.32 -8.40 -1.55
C GLY B 61 27.96 -7.76 -1.73
N GLN B 62 27.48 -7.11 -0.68
CA GLN B 62 26.22 -6.33 -0.62
C GLN B 62 26.40 -4.88 -0.14
N ASP B 63 26.17 -3.96 -1.07
CA ASP B 63 26.25 -2.51 -0.86
C ASP B 63 25.61 -1.98 0.40
N LEU B 64 25.83 -0.69 0.66
CA LEU B 64 25.21 0.00 1.78
C LEU B 64 23.79 0.38 1.41
N LEU B 65 22.82 -0.09 2.20
CA LEU B 65 21.42 0.16 1.90
C LEU B 65 20.88 1.40 2.59
N LEU B 66 20.37 2.34 1.80
CA LEU B 66 19.81 3.58 2.33
C LEU B 66 18.28 3.54 2.38
N ILE B 67 17.74 3.34 3.58
CA ILE B 67 16.29 3.33 3.75
C ILE B 67 15.80 4.73 4.10
N THR B 68 14.90 5.26 3.27
CA THR B 68 14.43 6.62 3.43
C THR B 68 12.91 6.66 3.63
N VAL B 69 12.45 7.47 4.57
CA VAL B 69 11.02 7.65 4.78
C VAL B 69 10.52 8.88 4.02
N LEU B 70 9.59 8.65 3.10
CA LEU B 70 9.00 9.72 2.29
C LEU B 70 8.30 10.79 3.13
N LYS B 71 8.41 12.04 2.71
CA LYS B 71 9.16 12.39 1.50
C LYS B 71 10.10 13.57 1.71
N GLY B 72 10.35 13.90 2.97
CA GLY B 72 11.21 15.03 3.30
C GLY B 72 12.67 14.72 3.03
N ALA B 73 13.08 13.49 3.30
CA ALA B 73 14.49 13.12 3.21
C ALA B 73 14.89 12.63 1.83
N VAL B 74 14.07 12.93 0.82
CA VAL B 74 14.37 12.52 -0.54
C VAL B 74 15.47 13.40 -1.14
N LEU B 75 15.42 14.69 -0.84
CA LEU B 75 16.45 15.61 -1.31
C LEU B 75 17.78 15.33 -0.61
N PHE B 76 17.68 14.90 0.64
CA PHE B 76 18.86 14.65 1.46
C PHE B 76 19.58 13.37 1.04
N VAL B 77 18.80 12.33 0.74
CA VAL B 77 19.39 11.03 0.40
C VAL B 77 20.05 11.04 -0.98
N THR B 78 19.51 11.84 -1.90
CA THR B 78 20.06 11.92 -3.25
C THR B 78 21.43 12.60 -3.26
N ASP B 79 21.63 13.54 -2.33
CA ASP B 79 22.90 14.23 -2.22
C ASP B 79 23.88 13.43 -1.36
N LEU B 80 23.36 12.74 -0.36
CA LEU B 80 24.20 11.96 0.55
C LEU B 80 24.87 10.78 -0.14
N ALA B 81 24.09 10.02 -0.90
CA ALA B 81 24.61 8.85 -1.60
C ALA B 81 25.69 9.24 -2.61
N ARG B 82 25.53 10.42 -3.20
CA ARG B 82 26.50 10.93 -4.16
C ARG B 82 27.66 11.60 -3.44
N ALA B 83 27.58 11.62 -2.11
CA ALA B 83 28.67 12.14 -1.28
C ALA B 83 29.43 10.98 -0.63
N ILE B 84 28.79 9.82 -0.61
CA ILE B 84 29.39 8.61 -0.05
C ILE B 84 30.24 7.89 -1.11
N PRO B 85 31.55 7.77 -0.86
CA PRO B 85 32.51 7.19 -1.79
C PRO B 85 32.34 5.68 -1.94
N VAL B 86 31.47 5.09 -1.12
CA VAL B 86 31.16 3.68 -1.20
C VAL B 86 29.82 3.48 -1.92
N PRO B 87 29.72 2.42 -2.75
CA PRO B 87 28.48 2.10 -3.48
C PRO B 87 27.27 1.96 -2.55
N THR B 88 26.19 2.64 -2.88
CA THR B 88 24.98 2.61 -2.04
C THR B 88 23.73 2.26 -2.84
N GLN B 89 22.80 1.57 -2.19
CA GLN B 89 21.51 1.26 -2.79
C GLN B 89 20.41 2.06 -2.12
N PHE B 90 19.31 2.25 -2.83
CA PHE B 90 18.19 3.04 -2.31
C PHE B 90 17.00 2.19 -1.95
N GLU B 91 16.28 2.63 -0.93
CA GLU B 91 15.04 1.99 -0.52
C GLU B 91 14.12 3.04 0.08
N PHE B 92 12.85 3.00 -0.27
CA PHE B 92 11.91 4.03 0.16
C PHE B 92 10.70 3.45 0.87
N MET B 93 10.27 4.11 1.93
CA MET B 93 9.07 3.72 2.66
C MET B 93 8.08 4.87 2.71
N ALA B 94 6.79 4.56 2.63
CA ALA B 94 5.75 5.56 2.80
C ALA B 94 4.91 5.27 4.03
N VAL B 95 4.93 6.18 4.99
CA VAL B 95 4.17 5.99 6.22
C VAL B 95 3.23 7.16 6.50
N SER B 96 2.13 6.87 7.19
CA SER B 96 1.18 7.87 7.61
C SER B 96 0.87 7.63 9.09
N SER B 97 0.47 8.67 9.79
CA SER B 97 0.19 8.54 11.22
C SER B 97 -1.25 8.09 11.47
N TYR B 98 -1.43 7.27 12.50
CA TYR B 98 -2.76 6.81 12.89
C TYR B 98 -3.51 7.90 13.65
N GLY B 99 -3.35 9.14 13.21
CA GLY B 99 -4.00 10.26 13.85
C GLY B 99 -3.25 10.68 15.10
N SER B 100 -4.00 11.01 16.14
CA SER B 100 -3.44 11.50 17.40
C SER B 100 -3.03 10.37 18.33
N SER B 101 -3.11 9.13 17.84
CA SER B 101 -2.81 7.95 18.65
C SER B 101 -1.30 7.79 18.72
N THR B 102 -0.59 8.86 18.38
CA THR B 102 0.88 8.95 18.45
C THR B 102 1.50 8.77 19.85
N SER B 103 1.10 9.62 20.79
CA SER B 103 1.72 9.74 22.12
C SER B 103 2.04 8.45 22.85
N SER B 104 1.17 7.46 22.71
CA SER B 104 1.40 6.16 23.34
C SER B 104 1.53 5.05 22.31
N SER B 105 2.12 5.37 21.16
CA SER B 105 2.27 4.37 20.10
C SER B 105 3.72 3.80 20.09
N GLY B 106 4.76 4.34 19.44
CA GLY B 106 4.83 5.45 18.50
C GLY B 106 4.48 4.98 17.10
N VAL B 107 4.10 3.70 17.03
CA VAL B 107 3.63 3.01 15.82
C VAL B 107 2.97 3.89 14.75
N VAL B 108 3.45 3.72 13.53
CA VAL B 108 3.00 4.49 12.39
C VAL B 108 2.37 3.53 11.38
N ARG B 109 1.48 4.03 10.53
CA ARG B 109 0.86 3.19 9.52
C ARG B 109 1.77 3.09 8.29
N ILE B 110 1.86 1.88 7.73
CA ILE B 110 2.70 1.67 6.55
C ILE B 110 1.88 1.73 5.27
N LEU B 111 2.25 2.65 4.38
CA LEU B 111 1.54 2.80 3.11
C LEU B 111 2.30 2.12 1.97
N LYS B 112 3.62 2.04 2.11
CA LYS B 112 4.44 1.33 1.14
C LYS B 112 5.64 0.74 1.86
N ASP B 113 5.68 -0.60 1.95
CA ASP B 113 6.74 -1.30 2.65
C ASP B 113 7.99 -1.44 1.78
N LEU B 114 9.03 -2.06 2.35
CA LEU B 114 10.27 -2.29 1.61
C LEU B 114 10.01 -3.21 0.43
N ASP B 115 10.75 -3.01 -0.66
CA ASP B 115 10.57 -3.84 -1.84
C ASP B 115 11.16 -5.24 -1.67
N ARG B 116 12.31 -5.31 -1.01
CA ARG B 116 12.97 -6.60 -0.76
C ARG B 116 13.37 -6.74 0.71
N ASP B 117 13.79 -7.95 1.08
CA ASP B 117 14.20 -8.24 2.44
C ASP B 117 15.59 -7.70 2.75
N ILE B 118 15.77 -7.21 3.96
CA ILE B 118 17.03 -6.58 4.37
C ILE B 118 17.88 -7.50 5.26
N HIS B 119 17.66 -8.81 5.15
CA HIS B 119 18.42 -9.78 5.92
C HIS B 119 19.90 -9.76 5.59
N GLY B 120 20.72 -9.55 6.61
CA GLY B 120 22.16 -9.57 6.44
C GLY B 120 22.69 -8.37 5.70
N ARG B 121 21.93 -7.27 5.72
CA ARG B 121 22.33 -6.07 5.01
C ARG B 121 22.81 -5.00 5.97
N ASP B 122 23.78 -4.21 5.54
CA ASP B 122 24.21 -3.04 6.29
C ASP B 122 23.26 -1.91 5.91
N VAL B 123 22.42 -1.52 6.86
CA VAL B 123 21.33 -0.60 6.57
C VAL B 123 21.54 0.75 7.26
N LEU B 124 21.35 1.83 6.52
CA LEU B 124 21.46 3.17 7.07
C LEU B 124 20.13 3.92 6.93
N ILE B 125 19.49 4.19 8.06
CA ILE B 125 18.25 4.95 8.07
C ILE B 125 18.55 6.42 7.80
N VAL B 126 18.02 6.95 6.70
CA VAL B 126 18.29 8.33 6.36
C VAL B 126 17.08 9.26 6.52
N GLU B 127 17.12 10.08 7.55
CA GLU B 127 16.08 11.06 7.80
C GLU B 127 16.61 12.47 7.57
N ASP B 128 15.72 13.44 7.41
CA ASP B 128 16.11 14.82 7.23
C ASP B 128 16.11 15.55 8.56
N VAL B 129 15.16 15.21 9.43
CA VAL B 129 15.08 15.82 10.75
C VAL B 129 14.50 14.86 11.78
N VAL B 130 15.09 14.85 12.97
CA VAL B 130 14.61 14.05 14.10
C VAL B 130 14.16 14.96 15.24
N ASP B 131 12.85 14.98 15.50
CA ASP B 131 12.29 15.84 16.54
C ASP B 131 12.00 15.07 17.81
N SER B 132 10.87 14.36 17.83
CA SER B 132 10.47 13.60 19.01
C SER B 132 11.25 12.29 19.11
N GLY B 133 11.44 11.63 17.98
CA GLY B 133 12.19 10.39 17.94
C GLY B 133 11.31 9.16 18.09
N LEU B 134 10.00 9.35 18.02
CA LEU B 134 9.07 8.25 18.27
C LEU B 134 8.72 7.47 17.00
N THR B 135 8.57 8.18 15.89
CA THR B 135 8.35 7.51 14.61
C THR B 135 9.65 6.82 14.20
N LEU B 136 10.77 7.44 14.57
CA LEU B 136 12.09 6.88 14.30
C LEU B 136 12.36 5.64 15.16
N SER B 137 11.85 5.66 16.39
CA SER B 137 12.05 4.54 17.31
C SER B 137 11.30 3.31 16.83
N TRP B 138 10.07 3.51 16.35
CA TRP B 138 9.29 2.42 15.79
C TRP B 138 9.91 1.90 14.50
N LEU B 139 10.35 2.82 13.66
CA LEU B 139 10.93 2.45 12.37
C LEU B 139 12.21 1.66 12.58
N SER B 140 13.06 2.15 13.47
CA SER B 140 14.33 1.49 13.77
C SER B 140 14.11 0.11 14.37
N ARG B 141 13.12 -0.01 15.26
CA ARG B 141 12.79 -1.28 15.88
C ARG B 141 12.15 -2.23 14.88
N ASN B 142 11.39 -1.67 13.95
CA ASN B 142 10.73 -2.47 12.91
C ASN B 142 11.75 -3.11 11.99
N LEU B 143 12.76 -2.33 11.60
CA LEU B 143 13.80 -2.83 10.70
C LEU B 143 14.69 -3.84 11.40
N THR B 144 14.82 -3.69 12.71
CA THR B 144 15.63 -4.62 13.51
C THR B 144 15.00 -6.01 13.53
N SER B 145 13.68 -6.05 13.52
CA SER B 145 12.95 -7.32 13.52
C SER B 145 13.15 -8.07 12.21
N ARG B 146 13.57 -7.34 11.17
CA ARG B 146 13.86 -7.95 9.87
C ARG B 146 15.27 -8.53 9.84
N ASN B 147 15.98 -8.36 10.96
CA ASN B 147 17.32 -8.91 11.16
C ASN B 147 18.34 -8.50 10.09
N PRO B 148 18.74 -7.22 10.07
CA PRO B 148 19.82 -6.79 9.18
C PRO B 148 21.19 -7.02 9.81
N ARG B 149 22.26 -6.91 9.03
CA ARG B 149 23.61 -7.03 9.57
C ARG B 149 23.96 -5.81 10.41
N SER B 150 23.65 -4.63 9.89
CA SER B 150 23.92 -3.40 10.60
C SER B 150 22.79 -2.39 10.45
N LEU B 151 22.58 -1.57 11.47
CA LEU B 151 21.54 -0.56 11.42
C LEU B 151 21.96 0.70 12.18
N ARG B 152 22.25 1.76 11.45
CA ARG B 152 22.60 3.04 12.05
C ARG B 152 21.69 4.13 11.49
N VAL B 153 21.67 5.27 12.16
CA VAL B 153 20.78 6.37 11.76
C VAL B 153 21.56 7.62 11.39
N CYS B 154 21.26 8.16 10.22
CA CYS B 154 21.86 9.41 9.78
C CYS B 154 20.78 10.46 9.51
N THR B 155 20.80 11.54 10.28
CA THR B 155 19.85 12.63 10.09
C THR B 155 20.57 13.92 9.77
N LEU B 156 19.95 14.75 8.94
CA LEU B 156 20.52 16.04 8.59
C LEU B 156 20.37 17.01 9.75
N LEU B 157 19.19 17.00 10.37
CA LEU B 157 18.90 17.92 11.47
C LEU B 157 18.43 17.20 12.72
N ARG B 158 18.82 17.72 13.89
CA ARG B 158 18.36 17.15 15.15
C ARG B 158 17.95 18.27 16.09
N LYS B 159 16.70 18.21 16.54
CA LYS B 159 16.16 19.21 17.46
C LYS B 159 16.29 18.77 18.93
N PRO B 160 16.22 19.71 19.88
CA PRO B 160 16.47 19.44 21.30
C PRO B 160 15.61 18.33 21.93
N ASP B 161 14.42 18.10 21.41
CA ASP B 161 13.51 17.15 22.04
C ASP B 161 13.84 15.70 21.67
N ALA B 162 14.91 15.52 20.92
CA ALA B 162 15.35 14.18 20.52
C ALA B 162 16.16 13.52 21.64
N VAL B 163 16.65 14.33 22.57
CA VAL B 163 17.39 13.82 23.73
C VAL B 163 16.51 12.96 24.62
N HIS B 164 15.21 12.93 24.34
CA HIS B 164 14.25 12.23 25.19
C HIS B 164 13.79 10.95 24.51
N ALA B 165 14.54 10.52 23.50
CA ALA B 165 14.22 9.27 22.83
C ALA B 165 15.31 8.25 23.16
N ASN B 166 15.07 7.00 22.81
CA ASN B 166 15.99 5.92 23.18
C ASN B 166 16.92 5.47 22.06
N VAL B 167 16.87 6.16 20.93
CA VAL B 167 17.66 5.74 19.77
C VAL B 167 18.91 6.57 19.55
N GLU B 168 20.00 5.87 19.23
CA GLU B 168 21.28 6.50 18.95
C GLU B 168 21.43 6.86 17.48
N ILE B 169 21.61 8.15 17.22
CA ILE B 169 21.84 8.62 15.87
C ILE B 169 23.34 8.76 15.63
N ALA B 170 23.89 7.82 14.86
CA ALA B 170 25.33 7.74 14.64
C ALA B 170 25.85 8.94 13.84
N TYR B 171 25.05 9.42 12.90
CA TYR B 171 25.47 10.52 12.06
C TYR B 171 24.48 11.68 12.13
N VAL B 172 24.95 12.82 12.64
CA VAL B 172 24.13 14.01 12.74
C VAL B 172 24.76 15.15 11.95
N GLY B 173 23.97 15.77 11.08
CA GLY B 173 24.45 16.88 10.29
C GLY B 173 24.48 18.17 11.07
N PHE B 174 23.34 18.56 11.62
CA PHE B 174 23.24 19.79 12.38
C PHE B 174 22.34 19.65 13.61
N ASP B 175 22.75 20.30 14.69
CA ASP B 175 21.89 20.44 15.87
C ASP B 175 21.27 21.83 15.87
N ILE B 176 19.97 21.89 15.66
CA ILE B 176 19.26 23.16 15.56
C ILE B 176 18.33 23.38 16.75
N PRO B 177 17.98 24.65 17.04
CA PRO B 177 17.04 24.96 18.12
C PRO B 177 15.65 24.39 17.86
N ASN B 178 14.79 24.43 18.87
CA ASN B 178 13.46 23.85 18.74
C ASN B 178 12.51 24.82 18.07
N ASP B 179 12.82 25.15 16.82
CA ASP B 179 11.95 26.00 16.00
C ASP B 179 11.53 25.28 14.73
N PHE B 180 10.35 25.59 14.22
CA PHE B 180 9.85 24.94 13.02
C PHE B 180 10.56 25.49 11.79
N VAL B 181 11.32 24.65 11.11
CA VAL B 181 12.08 25.09 9.95
C VAL B 181 11.62 24.39 8.67
N VAL B 182 11.71 25.09 7.55
CA VAL B 182 11.37 24.53 6.25
C VAL B 182 12.55 24.65 5.29
N GLY B 183 12.44 23.97 4.15
CA GLY B 183 13.49 24.01 3.15
C GLY B 183 14.27 22.72 3.07
N TYR B 184 14.77 22.42 1.87
CA TYR B 184 15.55 21.21 1.62
C TYR B 184 14.82 19.94 2.05
N GLY B 185 13.61 19.77 1.54
CA GLY B 185 12.82 18.61 1.87
C GLY B 185 11.79 18.87 2.95
N LEU B 186 12.14 19.76 3.88
CA LEU B 186 11.23 20.14 4.94
C LEU B 186 10.08 21.00 4.40
N ASP B 187 8.86 20.71 4.83
CA ASP B 187 7.70 21.39 4.27
C ASP B 187 6.79 22.02 5.31
N TYR B 188 5.91 22.88 4.82
CA TYR B 188 4.74 23.32 5.57
C TYR B 188 3.55 23.33 4.63
N ASP B 189 2.64 22.38 4.82
CA ASP B 189 1.53 22.16 3.89
C ASP B 189 2.06 21.90 2.49
N GLU B 190 3.00 20.97 2.39
CA GLU B 190 3.57 20.50 1.12
C GLU B 190 4.35 21.58 0.36
N ARG B 191 4.72 22.66 1.04
CA ARG B 191 5.44 23.75 0.39
C ARG B 191 6.88 23.89 0.89
N TYR B 192 7.63 24.76 0.22
CA TYR B 192 9.02 25.07 0.58
C TYR B 192 10.04 23.93 0.52
N ARG B 193 9.64 22.77 0.01
CA ARG B 193 10.58 21.65 -0.09
C ARG B 193 11.68 21.89 -1.13
N ASP B 194 11.35 22.61 -2.20
CA ASP B 194 12.28 22.79 -3.31
C ASP B 194 13.37 23.81 -2.99
N LEU B 195 13.32 24.37 -1.78
CA LEU B 195 14.34 25.31 -1.33
C LEU B 195 15.68 24.60 -1.20
N SER B 196 16.77 25.29 -1.55
CA SER B 196 18.10 24.70 -1.47
C SER B 196 18.73 24.95 -0.10
N TYR B 197 18.08 25.81 0.67
CA TYR B 197 18.56 26.16 2.00
C TYR B 197 17.51 25.84 3.05
N ILE B 198 17.90 25.88 4.32
CA ILE B 198 16.98 25.62 5.42
C ILE B 198 16.84 26.86 6.27
N GLY B 199 15.60 27.30 6.46
CA GLY B 199 15.33 28.52 7.19
C GLY B 199 14.05 28.42 7.99
N THR B 200 13.71 29.50 8.69
CA THR B 200 12.54 29.54 9.55
C THR B 200 11.41 30.29 8.88
N LEU B 201 10.19 29.83 9.10
CA LEU B 201 9.02 30.46 8.49
C LEU B 201 8.67 31.76 9.21
N ASP B 202 7.97 32.65 8.53
CA ASP B 202 7.51 33.88 9.15
C ASP B 202 6.08 33.66 9.61
N PRO B 203 5.84 33.71 10.93
CA PRO B 203 4.58 33.30 11.55
C PRO B 203 3.30 33.91 10.96
N ARG B 204 3.41 34.89 10.08
CA ARG B 204 2.23 35.40 9.40
C ARG B 204 1.94 34.56 8.16
N VAL B 205 2.22 33.26 8.27
CA VAL B 205 1.91 32.28 7.22
C VAL B 205 0.86 31.27 7.69
N TYR B 206 0.88 30.98 8.99
CA TYR B 206 -0.01 29.96 9.56
C TYR B 206 -1.47 30.40 9.55
N GLN B 207 -1.69 31.71 9.47
CA GLN B 207 -3.03 32.28 9.34
C GLN B 207 -3.99 31.80 10.43
N LEU C 23 -19.85 -27.51 -10.45
CA LEU C 23 -18.91 -26.83 -9.57
C LEU C 23 -17.49 -27.09 -10.08
N TYR C 24 -16.77 -28.02 -9.46
CA TYR C 24 -15.46 -28.39 -9.98
C TYR C 24 -15.33 -29.91 -10.19
N PRO C 25 -15.96 -30.42 -11.26
CA PRO C 25 -15.99 -31.86 -11.58
C PRO C 25 -14.61 -32.46 -11.90
N GLY C 26 -14.20 -33.44 -11.11
CA GLY C 26 -12.98 -34.20 -11.36
C GLY C 26 -11.67 -33.60 -10.88
N ASP C 27 -11.77 -32.59 -10.04
CA ASP C 27 -10.60 -31.95 -9.44
C ASP C 27 -10.50 -32.32 -7.97
N ILE C 28 -11.65 -32.52 -7.34
CA ILE C 28 -11.73 -32.89 -5.94
C ILE C 28 -11.72 -34.40 -5.74
N LYS C 29 -10.66 -34.91 -5.11
CA LYS C 29 -10.52 -36.34 -4.86
C LYS C 29 -11.37 -36.82 -3.70
N SER C 30 -11.15 -36.21 -2.54
CA SER C 30 -11.82 -36.60 -1.32
C SER C 30 -12.29 -35.38 -0.56
N VAL C 31 -13.32 -35.56 0.27
CA VAL C 31 -13.78 -34.48 1.12
C VAL C 31 -13.27 -34.74 2.52
N LEU C 32 -12.35 -33.89 2.97
CA LEU C 32 -11.73 -34.05 4.28
C LEU C 32 -12.73 -33.54 5.31
N LEU C 33 -13.22 -32.32 5.10
CA LEU C 33 -14.22 -31.73 5.97
C LEU C 33 -15.41 -31.25 5.17
N THR C 34 -16.60 -31.68 5.58
CA THR C 34 -17.83 -31.28 4.93
C THR C 34 -18.29 -29.92 5.43
N ALA C 35 -19.19 -29.29 4.67
CA ALA C 35 -19.71 -27.97 5.03
C ALA C 35 -20.38 -28.03 6.39
N GLU C 36 -21.02 -29.15 6.69
CA GLU C 36 -21.70 -29.34 7.97
C GLU C 36 -20.72 -29.39 9.13
N GLN C 37 -19.59 -30.08 8.94
CA GLN C 37 -18.59 -30.18 10.00
C GLN C 37 -17.92 -28.84 10.28
N ILE C 38 -17.75 -28.05 9.23
CA ILE C 38 -17.13 -26.74 9.35
C ILE C 38 -17.98 -25.78 10.18
N GLN C 39 -19.25 -25.64 9.79
CA GLN C 39 -20.15 -24.73 10.48
C GLN C 39 -20.45 -25.18 11.90
N ALA C 40 -20.48 -26.49 12.11
CA ALA C 40 -20.74 -27.05 13.44
C ALA C 40 -19.60 -26.70 14.40
N ARG C 41 -18.37 -26.77 13.90
CA ARG C 41 -17.21 -26.45 14.70
C ARG C 41 -17.08 -24.96 14.95
N ILE C 42 -17.37 -24.16 13.93
CA ILE C 42 -17.32 -22.71 14.04
C ILE C 42 -18.34 -22.20 15.06
N ALA C 43 -19.52 -22.80 15.07
CA ALA C 43 -20.54 -22.47 16.06
C ALA C 43 -20.03 -22.79 17.46
N GLU C 44 -19.33 -23.91 17.58
CA GLU C 44 -18.75 -24.32 18.86
C GLU C 44 -17.55 -23.44 19.21
N LEU C 45 -16.73 -23.14 18.20
CA LEU C 45 -15.56 -22.30 18.38
C LEU C 45 -15.98 -20.88 18.73
N GLY C 46 -17.03 -20.41 18.07
CA GLY C 46 -17.60 -19.09 18.31
C GLY C 46 -18.12 -18.96 19.72
N GLU C 47 -18.80 -20.00 20.20
CA GLU C 47 -19.35 -20.03 21.55
C GLU C 47 -18.25 -19.95 22.60
N GLN C 48 -17.15 -20.64 22.34
CA GLN C 48 -16.02 -20.63 23.26
C GLN C 48 -15.39 -19.24 23.35
N ILE C 49 -15.17 -18.63 22.19
CA ILE C 49 -14.60 -17.28 22.13
C ILE C 49 -15.54 -16.25 22.74
N GLY C 50 -16.83 -16.38 22.46
CA GLY C 50 -17.83 -15.45 22.99
C GLY C 50 -17.88 -15.43 24.51
N ASN C 51 -17.60 -16.57 25.13
CA ASN C 51 -17.61 -16.69 26.58
C ASN C 51 -16.32 -16.18 27.21
N ASP C 52 -15.20 -16.36 26.49
CA ASP C 52 -13.90 -15.93 26.98
C ASP C 52 -13.76 -14.42 26.97
N TYR C 53 -14.45 -13.78 26.03
CA TYR C 53 -14.40 -12.32 25.86
C TYR C 53 -15.73 -11.68 26.21
N ARG C 54 -16.43 -12.24 27.18
CA ARG C 54 -17.76 -11.78 27.54
C ARG C 54 -17.75 -10.44 28.30
N GLU C 55 -16.83 -10.29 29.24
CA GLU C 55 -16.69 -9.03 29.97
C GLU C 55 -15.74 -8.07 29.24
N LEU C 56 -16.10 -7.69 28.02
CA LEU C 56 -15.23 -6.79 27.26
C LEU C 56 -15.95 -5.50 26.91
N SER C 57 -17.25 -5.61 26.63
CA SER C 57 -18.04 -4.44 26.29
C SER C 57 -18.21 -3.60 27.53
N ALA C 58 -18.49 -4.28 28.64
CA ALA C 58 -18.75 -3.65 29.92
C ALA C 58 -17.49 -3.24 30.68
N THR C 59 -16.35 -3.81 30.31
CA THR C 59 -15.11 -3.52 31.03
C THR C 59 -14.21 -2.52 30.32
N THR C 60 -14.01 -2.69 29.01
CA THR C 60 -13.24 -1.70 28.26
C THR C 60 -14.14 -0.83 27.39
N GLY C 61 -15.07 -1.47 26.68
CA GLY C 61 -16.00 -0.75 25.83
C GLY C 61 -15.45 -0.52 24.44
N GLN C 62 -14.67 -1.47 23.93
CA GLN C 62 -14.09 -1.34 22.59
C GLN C 62 -14.35 -2.55 21.69
N ASP C 63 -14.97 -3.58 22.25
CA ASP C 63 -15.25 -4.85 21.57
C ASP C 63 -13.99 -5.63 21.17
N LEU C 64 -14.21 -6.86 20.74
CA LEU C 64 -13.15 -7.75 20.25
C LEU C 64 -12.79 -7.50 18.78
N LEU C 65 -11.53 -7.19 18.51
CA LEU C 65 -11.09 -6.92 17.15
C LEU C 65 -10.55 -8.18 16.47
N LEU C 66 -11.14 -8.54 15.33
CA LEU C 66 -10.71 -9.70 14.56
C LEU C 66 -9.83 -9.29 13.39
N ILE C 67 -8.52 -9.51 13.53
CA ILE C 67 -7.58 -9.18 12.47
C ILE C 67 -7.38 -10.34 11.51
N THR C 68 -7.64 -10.08 10.24
CA THR C 68 -7.61 -11.12 9.22
C THR C 68 -6.58 -10.85 8.14
N VAL C 69 -5.86 -11.88 7.74
CA VAL C 69 -4.90 -11.78 6.65
C VAL C 69 -5.53 -12.20 5.31
N LEU C 70 -5.56 -11.26 4.36
CA LEU C 70 -6.10 -11.54 3.04
C LEU C 70 -5.32 -12.66 2.36
N LYS C 71 -6.02 -13.54 1.65
CA LYS C 71 -7.47 -13.45 1.48
C LYS C 71 -8.15 -14.78 1.76
N GLY C 72 -7.41 -15.70 2.36
CA GLY C 72 -7.91 -17.04 2.63
C GLY C 72 -8.90 -17.11 3.77
N ALA C 73 -8.65 -16.34 4.81
CA ALA C 73 -9.45 -16.42 6.03
C ALA C 73 -10.63 -15.44 5.99
N VAL C 74 -10.96 -14.98 4.79
CA VAL C 74 -12.06 -14.04 4.61
C VAL C 74 -13.40 -14.75 4.76
N LEU C 75 -13.49 -15.96 4.24
CA LEU C 75 -14.70 -16.76 4.36
C LEU C 75 -14.88 -17.27 5.79
N PHE C 76 -13.78 -17.48 6.48
CA PHE C 76 -13.82 -18.03 7.83
C PHE C 76 -14.27 -16.99 8.86
N VAL C 77 -13.80 -15.76 8.71
CA VAL C 77 -14.11 -14.71 9.68
C VAL C 77 -15.56 -14.26 9.61
N THR C 78 -16.16 -14.34 8.42
CA THR C 78 -17.54 -13.93 8.24
C THR C 78 -18.47 -14.88 8.96
N ASP C 79 -18.08 -16.16 9.02
CA ASP C 79 -18.86 -17.16 9.74
C ASP C 79 -18.47 -17.20 11.22
N LEU C 80 -17.19 -16.95 11.49
CA LEU C 80 -16.70 -16.98 12.86
C LEU C 80 -17.30 -15.85 13.68
N ALA C 81 -17.26 -14.64 13.13
CA ALA C 81 -17.79 -13.46 13.82
C ALA C 81 -19.28 -13.57 14.04
N ARG C 82 -19.98 -14.21 13.11
CA ARG C 82 -21.42 -14.39 13.24
C ARG C 82 -21.74 -15.58 14.13
N ALA C 83 -20.70 -16.25 14.60
CA ALA C 83 -20.85 -17.35 15.55
C ALA C 83 -20.49 -16.88 16.95
N ILE C 84 -19.78 -15.76 17.02
CA ILE C 84 -19.41 -15.16 18.29
C ILE C 84 -20.54 -14.26 18.78
N PRO C 85 -21.14 -14.60 19.94
CA PRO C 85 -22.31 -13.90 20.48
C PRO C 85 -22.01 -12.51 21.04
N VAL C 86 -20.73 -12.17 21.21
CA VAL C 86 -20.37 -10.84 21.68
C VAL C 86 -19.93 -9.99 20.50
N PRO C 87 -20.20 -8.68 20.55
CA PRO C 87 -19.86 -7.75 19.46
C PRO C 87 -18.39 -7.83 19.06
N THR C 88 -18.16 -7.94 17.76
CA THR C 88 -16.81 -8.05 17.21
C THR C 88 -16.57 -7.04 16.11
N GLN C 89 -15.34 -6.56 16.01
CA GLN C 89 -14.98 -5.63 14.94
C GLN C 89 -14.06 -6.31 13.94
N PHE C 90 -14.02 -5.80 12.72
CA PHE C 90 -13.23 -6.42 11.66
C PHE C 90 -12.01 -5.58 11.31
N GLU C 91 -10.94 -6.26 10.93
CA GLU C 91 -9.73 -5.59 10.50
C GLU C 91 -8.98 -6.50 9.50
N PHE C 92 -8.48 -5.93 8.42
CA PHE C 92 -7.85 -6.73 7.37
C PHE C 92 -6.43 -6.27 7.03
N MET C 93 -5.55 -7.23 6.79
CA MET C 93 -4.18 -6.94 6.34
C MET C 93 -3.90 -7.66 5.03
N ALA C 94 -3.14 -7.01 4.16
CA ALA C 94 -2.68 -7.64 2.93
C ALA C 94 -1.16 -7.77 2.95
N VAL C 95 -0.67 -9.00 2.90
CA VAL C 95 0.76 -9.27 2.96
C VAL C 95 1.27 -10.10 1.78
N SER C 96 2.55 -9.91 1.45
CA SER C 96 3.18 -10.70 0.40
C SER C 96 4.52 -11.24 0.90
N SER C 97 4.96 -12.35 0.29
CA SER C 97 6.22 -12.97 0.67
C SER C 97 7.39 -12.37 -0.11
N TYR C 98 8.52 -12.21 0.57
CA TYR C 98 9.73 -11.72 -0.08
C TYR C 98 10.41 -12.84 -0.85
N GLY C 99 11.09 -13.72 -0.11
CA GLY C 99 11.79 -14.85 -0.68
C GLY C 99 11.02 -16.15 -0.49
N SER C 100 11.64 -17.28 -0.13
CA SER C 100 12.98 -17.50 0.45
C SER C 100 13.19 -16.82 1.81
N SER C 101 12.65 -15.62 1.97
CA SER C 101 12.80 -14.87 3.19
C SER C 101 11.74 -15.36 4.16
N THR C 102 10.49 -15.21 3.74
CA THR C 102 9.34 -15.70 4.51
C THR C 102 9.45 -17.19 4.78
N SER C 103 9.57 -17.99 3.72
CA SER C 103 9.62 -19.44 3.88
C SER C 103 10.93 -19.92 4.55
N SER C 104 11.39 -19.19 5.56
CA SER C 104 12.57 -19.57 6.35
C SER C 104 12.79 -18.62 7.53
N SER C 105 12.44 -17.36 7.32
CA SER C 105 12.59 -16.31 8.34
C SER C 105 11.25 -16.04 8.98
N GLY C 106 10.27 -15.78 8.12
CA GLY C 106 8.91 -15.51 8.51
C GLY C 106 8.68 -14.03 8.31
N VAL C 107 9.73 -13.32 7.91
CA VAL C 107 9.62 -11.90 7.61
C VAL C 107 8.76 -11.71 6.38
N VAL C 108 7.69 -10.94 6.52
CA VAL C 108 6.73 -10.74 5.44
C VAL C 108 6.59 -9.26 5.05
N ARG C 109 6.25 -9.02 3.78
CA ARG C 109 6.01 -7.67 3.28
C ARG C 109 4.57 -7.23 3.50
N ILE C 110 4.38 -5.98 3.91
CA ILE C 110 3.03 -5.43 4.11
C ILE C 110 2.56 -4.58 2.93
N LEU C 111 1.45 -4.97 2.32
CA LEU C 111 0.86 -4.21 1.21
C LEU C 111 -0.29 -3.36 1.70
N LYS C 112 -0.90 -3.76 2.80
CA LYS C 112 -1.97 -3.00 3.43
C LYS C 112 -1.89 -3.16 4.94
N ASP C 113 -1.55 -2.07 5.63
CA ASP C 113 -1.43 -2.09 7.08
C ASP C 113 -2.81 -1.93 7.69
N LEU C 114 -2.87 -1.96 9.02
CA LEU C 114 -4.14 -1.79 9.71
C LEU C 114 -4.72 -0.41 9.45
N ASP C 115 -6.04 -0.30 9.39
CA ASP C 115 -6.69 0.98 9.16
C ASP C 115 -6.64 1.85 10.41
N ARG C 116 -6.75 1.22 11.58
CA ARG C 116 -6.70 1.95 12.83
C ARG C 116 -5.67 1.36 13.78
N ASP C 117 -5.36 2.10 14.84
CA ASP C 117 -4.41 1.64 15.85
C ASP C 117 -5.08 0.65 16.78
N ILE C 118 -4.35 -0.39 17.15
CA ILE C 118 -4.90 -1.46 18.00
C ILE C 118 -4.33 -1.35 19.41
N HIS C 119 -3.87 -0.15 19.76
CA HIS C 119 -3.28 0.11 21.06
C HIS C 119 -4.31 -0.07 22.18
N GLY C 120 -4.02 -0.95 23.12
CA GLY C 120 -4.90 -1.19 24.25
C GLY C 120 -6.16 -1.94 23.89
N ARG C 121 -6.10 -2.68 22.79
CA ARG C 121 -7.24 -3.44 22.29
C ARG C 121 -7.09 -4.95 22.52
N ASP C 122 -8.22 -5.63 22.73
CA ASP C 122 -8.22 -7.08 22.78
C ASP C 122 -8.29 -7.61 21.35
N VAL C 123 -7.20 -8.21 20.89
CA VAL C 123 -7.06 -8.58 19.49
C VAL C 123 -7.02 -10.10 19.28
N LEU C 124 -7.76 -10.58 18.29
CA LEU C 124 -7.73 -11.99 17.94
C LEU C 124 -7.29 -12.17 16.49
N ILE C 125 -6.10 -12.72 16.28
CA ILE C 125 -5.62 -13.03 14.94
C ILE C 125 -6.38 -14.22 14.40
N VAL C 126 -7.09 -14.04 13.30
CA VAL C 126 -7.87 -15.12 12.72
C VAL C 126 -7.23 -15.65 11.44
N GLU C 127 -6.72 -16.87 11.52
CA GLU C 127 -6.09 -17.51 10.38
C GLU C 127 -7.00 -18.59 9.80
N ASP C 128 -6.74 -18.99 8.56
CA ASP C 128 -7.49 -20.07 7.94
C ASP C 128 -6.74 -21.38 8.10
N VAL C 129 -5.41 -21.32 7.97
CA VAL C 129 -4.56 -22.48 8.14
C VAL C 129 -3.18 -22.06 8.64
N VAL C 130 -2.65 -22.80 9.61
CA VAL C 130 -1.29 -22.56 10.11
C VAL C 130 -0.40 -23.78 9.85
N ASP C 131 0.60 -23.61 8.97
CA ASP C 131 1.47 -24.72 8.59
C ASP C 131 2.80 -24.67 9.33
N SER C 132 3.72 -23.84 8.84
CA SER C 132 5.04 -23.72 9.46
C SER C 132 4.92 -22.91 10.74
N GLY C 133 4.10 -21.86 10.71
CA GLY C 133 3.85 -21.02 11.86
C GLY C 133 4.73 -19.80 11.95
N LEU C 134 5.47 -19.51 10.89
CA LEU C 134 6.42 -18.40 10.92
C LEU C 134 5.85 -17.07 10.44
N THR C 135 4.96 -17.09 9.46
CA THR C 135 4.31 -15.85 9.05
C THR C 135 3.42 -15.41 10.19
N LEU C 136 2.87 -16.39 10.89
CA LEU C 136 2.06 -16.14 12.07
C LEU C 136 2.95 -15.63 13.19
N SER C 137 4.18 -16.13 13.22
CA SER C 137 5.16 -15.73 14.23
C SER C 137 5.56 -14.27 14.01
N TRP C 138 5.78 -13.89 12.75
CA TRP C 138 6.10 -12.52 12.40
C TRP C 138 4.91 -11.60 12.63
N LEU C 139 3.73 -12.06 12.27
CA LEU C 139 2.52 -11.26 12.43
C LEU C 139 2.23 -10.99 13.89
N SER C 140 2.30 -12.03 14.71
CA SER C 140 2.02 -11.92 16.14
C SER C 140 3.03 -11.00 16.80
N ARG C 141 4.29 -11.11 16.40
CA ARG C 141 5.35 -10.28 16.96
C ARG C 141 5.21 -8.84 16.49
N ASN C 142 4.78 -8.65 15.26
CA ASN C 142 4.57 -7.32 14.69
C ASN C 142 3.42 -6.58 15.35
N LEU C 143 2.31 -7.28 15.55
CA LEU C 143 1.13 -6.70 16.17
C LEU C 143 1.36 -6.40 17.65
N THR C 144 2.26 -7.16 18.27
CA THR C 144 2.60 -6.96 19.66
C THR C 144 3.28 -5.62 19.87
N SER C 145 4.05 -5.19 18.87
CA SER C 145 4.74 -3.91 18.93
C SER C 145 3.76 -2.75 18.89
N ARG C 146 2.53 -3.04 18.44
CA ARG C 146 1.47 -2.04 18.40
C ARG C 146 0.78 -1.93 19.76
N ASN C 147 1.24 -2.74 20.71
CA ASN C 147 0.77 -2.73 22.09
C ASN C 147 -0.74 -2.91 22.28
N PRO C 148 -1.25 -4.12 22.02
CA PRO C 148 -2.64 -4.42 22.31
C PRO C 148 -2.85 -4.84 23.75
N ARG C 149 -4.09 -4.89 24.23
CA ARG C 149 -4.36 -5.34 25.59
C ARG C 149 -4.16 -6.84 25.70
N SER C 150 -4.71 -7.58 24.74
CA SER C 150 -4.58 -9.03 24.69
C SER C 150 -4.43 -9.49 23.24
N LEU C 151 -3.72 -10.60 23.03
CA LEU C 151 -3.51 -11.13 21.70
C LEU C 151 -3.54 -12.65 21.67
N ARG C 152 -4.59 -13.19 21.07
CA ARG C 152 -4.73 -14.63 20.93
C ARG C 152 -4.90 -14.98 19.46
N VAL C 153 -4.72 -16.25 19.13
CA VAL C 153 -4.80 -16.70 17.74
C VAL C 153 -5.90 -17.73 17.53
N CYS C 154 -6.75 -17.50 16.53
CA CYS C 154 -7.78 -18.46 16.17
C CYS C 154 -7.63 -18.91 14.73
N THR C 155 -7.33 -20.19 14.53
CA THR C 155 -7.20 -20.74 13.18
C THR C 155 -8.18 -21.87 12.97
N LEU C 156 -8.68 -22.00 11.74
CA LEU C 156 -9.60 -23.07 11.39
C LEU C 156 -8.89 -24.40 11.24
N LEU C 157 -7.74 -24.39 10.59
CA LEU C 157 -6.99 -25.61 10.31
C LEU C 157 -5.57 -25.53 10.86
N ARG C 158 -5.07 -26.67 11.31
CA ARG C 158 -3.73 -26.74 11.89
C ARG C 158 -2.94 -27.95 11.37
N LYS C 159 -1.77 -27.68 10.81
CA LYS C 159 -0.91 -28.75 10.30
C LYS C 159 0.11 -29.18 11.35
N PRO C 160 0.68 -30.40 11.21
CA PRO C 160 1.57 -30.98 12.23
C PRO C 160 2.80 -30.17 12.62
N ASP C 161 3.33 -29.33 11.72
CA ASP C 161 4.57 -28.61 11.98
C ASP C 161 4.25 -27.36 12.81
N ALA C 162 2.98 -26.99 12.85
CA ALA C 162 2.56 -25.83 13.63
C ALA C 162 2.39 -26.18 15.10
N VAL C 163 2.22 -27.47 15.39
CA VAL C 163 2.07 -27.91 16.78
C VAL C 163 3.33 -27.68 17.62
N HIS C 164 4.46 -27.44 16.95
CA HIS C 164 5.74 -27.24 17.63
C HIS C 164 6.40 -25.91 17.21
N ALA C 165 5.60 -24.85 17.17
CA ALA C 165 6.08 -23.53 16.74
C ALA C 165 6.16 -22.57 17.91
N ASN C 166 6.51 -21.31 17.64
CA ASN C 166 6.75 -20.34 18.70
C ASN C 166 5.51 -19.52 19.07
N VAL C 167 4.39 -19.81 18.44
CA VAL C 167 3.15 -19.10 18.72
C VAL C 167 2.15 -19.97 19.47
N GLU C 168 1.49 -19.40 20.47
CA GLU C 168 0.43 -20.12 21.17
C GLU C 168 -0.91 -19.84 20.50
N ILE C 169 -1.52 -20.88 19.93
CA ILE C 169 -2.83 -20.76 19.30
C ILE C 169 -3.95 -21.19 20.24
N ALA C 170 -4.67 -20.20 20.78
CA ALA C 170 -5.70 -20.47 21.78
C ALA C 170 -6.91 -21.18 21.19
N TYR C 171 -7.25 -20.87 19.95
CA TYR C 171 -8.44 -21.45 19.32
C TYR C 171 -8.12 -22.17 18.02
N VAL C 172 -8.37 -23.48 18.00
CA VAL C 172 -8.15 -24.29 16.80
C VAL C 172 -9.45 -25.00 16.37
N GLY C 173 -9.80 -24.85 15.09
CA GLY C 173 -10.99 -25.48 14.55
C GLY C 173 -10.79 -26.95 14.27
N PHE C 174 -9.79 -27.26 13.44
CA PHE C 174 -9.49 -28.65 13.08
C PHE C 174 -7.99 -28.87 13.01
N ASP C 175 -7.54 -30.05 13.46
CA ASP C 175 -6.15 -30.45 13.27
C ASP C 175 -6.08 -31.38 12.08
N ILE C 176 -5.48 -30.91 10.98
CA ILE C 176 -5.43 -31.70 9.75
C ILE C 176 -4.03 -32.18 9.43
N PRO C 177 -3.92 -33.28 8.66
CA PRO C 177 -2.58 -33.72 8.23
C PRO C 177 -1.96 -32.72 7.26
N ASN C 178 -0.67 -32.85 7.00
CA ASN C 178 0.02 -31.89 6.13
C ASN C 178 -0.15 -32.29 4.67
N ASP C 179 -1.37 -32.17 4.16
CA ASP C 179 -1.60 -32.39 2.74
C ASP C 179 -2.13 -31.08 2.18
N PHE C 180 -1.89 -30.82 0.91
CA PHE C 180 -2.34 -29.57 0.31
C PHE C 180 -3.84 -29.66 0.13
N VAL C 181 -4.57 -28.85 0.88
CA VAL C 181 -6.03 -28.90 0.83
C VAL C 181 -6.60 -27.56 0.37
N VAL C 182 -7.72 -27.61 -0.35
CA VAL C 182 -8.40 -26.39 -0.79
C VAL C 182 -9.86 -26.37 -0.34
N GLY C 183 -10.51 -25.23 -0.54
CA GLY C 183 -11.91 -25.07 -0.18
C GLY C 183 -12.08 -24.15 1.01
N TYR C 184 -13.23 -23.46 1.05
CA TYR C 184 -13.54 -22.54 2.15
C TYR C 184 -12.44 -21.50 2.33
N GLY C 185 -12.12 -20.80 1.26
CA GLY C 185 -11.09 -19.78 1.30
C GLY C 185 -9.74 -20.26 0.80
N LEU C 186 -9.45 -21.53 1.04
CA LEU C 186 -8.19 -22.12 0.59
C LEU C 186 -8.20 -22.28 -0.93
N ASP C 187 -7.09 -21.93 -1.58
CA ASP C 187 -7.06 -21.91 -3.05
C ASP C 187 -5.92 -22.71 -3.68
N TYR C 188 -6.05 -22.91 -4.98
CA TYR C 188 -4.95 -23.34 -5.83
C TYR C 188 -5.00 -22.52 -7.11
N ASP C 189 -4.07 -21.58 -7.24
CA ASP C 189 -4.08 -20.60 -8.34
C ASP C 189 -5.39 -19.83 -8.35
N GLU C 190 -5.76 -19.31 -7.19
CA GLU C 190 -6.93 -18.45 -6.99
C GLU C 190 -8.28 -19.12 -7.26
N ARG C 191 -8.28 -20.45 -7.34
CA ARG C 191 -9.52 -21.19 -7.55
C ARG C 191 -9.93 -22.02 -6.33
N TYR C 192 -11.13 -22.61 -6.39
CA TYR C 192 -11.67 -23.45 -5.33
C TYR C 192 -11.91 -22.69 -4.01
N ARG C 193 -11.80 -21.37 -4.04
CA ARG C 193 -12.03 -20.57 -2.85
C ARG C 193 -13.50 -20.57 -2.47
N ASP C 194 -14.37 -20.62 -3.48
CA ASP C 194 -15.81 -20.51 -3.26
C ASP C 194 -16.45 -21.82 -2.79
N LEU C 195 -15.64 -22.85 -2.63
CA LEU C 195 -16.16 -24.12 -2.12
C LEU C 195 -16.61 -23.99 -0.68
N SER C 196 -17.72 -24.66 -0.33
CA SER C 196 -18.27 -24.60 1.02
C SER C 196 -17.72 -25.73 1.89
N TYR C 197 -17.04 -26.67 1.25
CA TYR C 197 -16.43 -27.80 1.95
C TYR C 197 -14.93 -27.76 1.68
N ILE C 198 -14.16 -28.50 2.46
CA ILE C 198 -12.71 -28.53 2.27
C ILE C 198 -12.21 -29.94 1.93
N GLY C 199 -11.55 -30.07 0.78
CA GLY C 199 -11.07 -31.34 0.28
C GLY C 199 -9.77 -31.27 -0.50
N THR C 200 -9.27 -32.42 -0.94
CA THR C 200 -7.99 -32.50 -1.65
C THR C 200 -8.15 -32.67 -3.16
N LEU C 201 -7.22 -32.08 -3.92
CA LEU C 201 -7.21 -32.17 -5.38
C LEU C 201 -6.63 -33.52 -5.84
N ASP C 202 -6.92 -33.93 -7.07
CA ASP C 202 -6.36 -35.19 -7.53
C ASP C 202 -5.57 -35.15 -8.89
N PRO C 203 -6.16 -35.57 -10.04
CA PRO C 203 -5.27 -35.84 -11.19
C PRO C 203 -4.37 -34.71 -11.73
N ARG C 204 -4.72 -34.22 -12.92
CA ARG C 204 -4.01 -33.15 -13.59
C ARG C 204 -4.42 -31.74 -13.16
N VAL C 205 -4.06 -31.36 -11.94
CA VAL C 205 -4.30 -30.01 -11.46
C VAL C 205 -2.98 -29.26 -11.30
N LEU D 23 -24.40 -8.95 20.46
CA LEU D 23 -25.65 -8.26 20.74
C LEU D 23 -25.45 -6.77 21.03
N TYR D 24 -26.40 -5.96 20.57
CA TYR D 24 -26.45 -4.53 20.80
C TYR D 24 -27.82 -4.14 21.34
N PRO D 25 -28.01 -4.28 22.67
CA PRO D 25 -29.30 -4.12 23.35
C PRO D 25 -29.96 -2.75 23.15
N GLY D 26 -29.25 -1.66 23.40
CA GLY D 26 -29.81 -0.34 23.15
C GLY D 26 -29.13 0.44 22.04
N ASP D 27 -29.21 -0.07 20.82
CA ASP D 27 -28.59 0.60 19.68
C ASP D 27 -29.44 0.53 18.43
N ILE D 28 -30.14 -0.60 18.25
CA ILE D 28 -31.01 -0.80 17.10
C ILE D 28 -32.45 -0.36 17.37
N LYS D 29 -32.87 0.71 16.70
CA LYS D 29 -34.23 1.20 16.86
C LYS D 29 -35.20 0.36 16.04
N SER D 30 -34.92 0.25 14.74
CA SER D 30 -35.79 -0.51 13.84
C SER D 30 -34.97 -1.41 12.91
N VAL D 31 -35.57 -2.51 12.49
CA VAL D 31 -34.93 -3.43 11.55
C VAL D 31 -35.58 -3.32 10.17
N LEU D 32 -34.82 -2.87 9.19
CA LEU D 32 -35.33 -2.70 7.82
C LEU D 32 -35.39 -4.05 7.12
N LEU D 33 -34.29 -4.79 7.15
CA LEU D 33 -34.24 -6.11 6.51
C LEU D 33 -33.82 -7.19 7.49
N THR D 34 -34.61 -8.26 7.53
CA THR D 34 -34.32 -9.39 8.40
C THR D 34 -33.28 -10.31 7.76
N ALA D 35 -32.65 -11.13 8.59
CA ALA D 35 -31.61 -12.04 8.12
C ALA D 35 -32.14 -13.00 7.06
N GLU D 36 -33.38 -13.42 7.23
CA GLU D 36 -34.01 -14.35 6.28
C GLU D 36 -34.23 -13.68 4.92
N GLN D 37 -34.66 -12.42 4.94
CA GLN D 37 -34.90 -11.69 3.69
C GLN D 37 -33.60 -11.40 2.95
N ILE D 38 -32.54 -11.16 3.72
CA ILE D 38 -31.24 -10.89 3.13
C ILE D 38 -30.74 -12.11 2.38
N GLN D 39 -30.74 -13.24 3.05
CA GLN D 39 -30.29 -14.50 2.47
C GLN D 39 -31.17 -14.94 1.31
N ALA D 40 -32.46 -14.62 1.39
CA ALA D 40 -33.41 -15.00 0.36
C ALA D 40 -33.12 -14.31 -0.97
N ARG D 41 -32.77 -13.03 -0.92
CA ARG D 41 -32.45 -12.28 -2.13
C ARG D 41 -31.09 -12.73 -2.68
N ILE D 42 -30.15 -12.97 -1.78
CA ILE D 42 -28.82 -13.43 -2.17
C ILE D 42 -28.94 -14.80 -2.83
N ALA D 43 -29.82 -15.64 -2.29
CA ALA D 43 -30.10 -16.93 -2.89
C ALA D 43 -30.70 -16.75 -4.28
N GLU D 44 -31.55 -15.73 -4.42
CA GLU D 44 -32.16 -15.40 -5.69
C GLU D 44 -31.12 -14.77 -6.62
N LEU D 45 -30.27 -13.92 -6.05
CA LEU D 45 -29.21 -13.27 -6.83
C LEU D 45 -28.18 -14.27 -7.34
N GLY D 46 -27.84 -15.26 -6.52
CA GLY D 46 -26.87 -16.26 -6.90
C GLY D 46 -27.34 -17.06 -8.10
N GLU D 47 -28.61 -17.45 -8.08
CA GLU D 47 -29.21 -18.17 -9.20
C GLU D 47 -29.28 -17.26 -10.41
N GLN D 48 -29.63 -16.00 -10.17
CA GLN D 48 -29.73 -14.99 -11.21
C GLN D 48 -28.37 -14.71 -11.85
N ILE D 49 -27.37 -14.49 -11.01
CA ILE D 49 -26.01 -14.28 -11.49
C ILE D 49 -25.49 -15.57 -12.13
N GLY D 50 -25.80 -16.69 -11.50
CA GLY D 50 -25.40 -18.00 -11.99
C GLY D 50 -25.96 -18.32 -13.36
N ASN D 51 -27.14 -17.81 -13.66
CA ASN D 51 -27.78 -18.04 -14.95
C ASN D 51 -27.22 -17.12 -16.03
N ASP D 52 -26.86 -15.90 -15.62
CA ASP D 52 -26.30 -14.93 -16.55
C ASP D 52 -24.87 -15.29 -16.92
N TYR D 53 -24.18 -15.98 -16.02
CA TYR D 53 -22.80 -16.39 -16.26
C TYR D 53 -22.68 -17.89 -16.46
N ARG D 54 -23.71 -18.49 -17.04
CA ARG D 54 -23.69 -19.91 -17.32
C ARG D 54 -22.79 -20.15 -18.52
N GLU D 55 -22.08 -21.28 -18.51
CA GLU D 55 -21.21 -21.67 -19.60
C GLU D 55 -20.14 -20.60 -19.83
N LEU D 56 -19.33 -20.35 -18.81
CA LEU D 56 -18.29 -19.33 -18.91
C LEU D 56 -16.92 -19.94 -18.67
N SER D 57 -16.87 -20.93 -17.78
CA SER D 57 -15.63 -21.60 -17.43
C SER D 57 -15.12 -22.45 -18.59
N ALA D 58 -16.05 -23.14 -19.23
CA ALA D 58 -15.73 -24.07 -20.31
C ALA D 58 -15.49 -23.38 -21.64
N THR D 59 -15.93 -22.13 -21.79
CA THR D 59 -15.77 -21.44 -23.06
C THR D 59 -14.59 -20.48 -23.08
N THR D 60 -14.48 -19.64 -22.06
CA THR D 60 -13.33 -18.75 -21.90
C THR D 60 -12.12 -19.48 -21.31
N GLY D 61 -12.39 -20.38 -20.37
CA GLY D 61 -11.33 -21.10 -19.68
C GLY D 61 -10.98 -20.39 -18.39
N GLN D 62 -11.75 -19.35 -18.08
CA GLN D 62 -11.57 -18.59 -16.85
C GLN D 62 -12.87 -18.49 -16.07
N ASP D 63 -12.75 -18.21 -14.77
CA ASP D 63 -13.90 -18.14 -13.88
C ASP D 63 -14.42 -16.71 -13.72
N LEU D 64 -15.53 -16.57 -13.02
CA LEU D 64 -16.10 -15.25 -12.73
C LEU D 64 -15.36 -14.60 -11.58
N LEU D 65 -14.80 -13.42 -11.83
CA LEU D 65 -14.02 -12.71 -10.83
C LEU D 65 -14.86 -11.73 -10.02
N LEU D 66 -14.88 -11.92 -8.70
CA LEU D 66 -15.62 -11.04 -7.81
C LEU D 66 -14.69 -10.03 -7.14
N ILE D 67 -14.72 -8.79 -7.62
CA ILE D 67 -13.90 -7.73 -7.05
C ILE D 67 -14.67 -7.00 -5.95
N THR D 68 -14.09 -6.96 -4.75
CA THR D 68 -14.78 -6.40 -3.59
C THR D 68 -14.02 -5.21 -2.99
N VAL D 69 -14.76 -4.16 -2.64
CA VAL D 69 -14.18 -3.00 -1.98
C VAL D 69 -14.30 -3.12 -0.46
N LEU D 70 -13.16 -3.15 0.22
CA LEU D 70 -13.13 -3.21 1.68
C LEU D 70 -13.84 -1.98 2.27
N LYS D 71 -14.59 -2.17 3.35
CA LYS D 71 -14.73 -3.46 4.01
C LYS D 71 -16.20 -3.83 4.25
N GLY D 72 -17.11 -3.12 3.59
CA GLY D 72 -18.52 -3.38 3.79
C GLY D 72 -19.03 -4.64 3.13
N ALA D 73 -18.56 -4.90 1.92
CA ALA D 73 -19.08 -6.03 1.15
C ALA D 73 -18.28 -7.31 1.35
N VAL D 74 -17.48 -7.36 2.41
CA VAL D 74 -16.68 -8.53 2.68
C VAL D 74 -17.57 -9.65 3.24
N LEU D 75 -18.54 -9.27 4.06
CA LEU D 75 -19.50 -10.21 4.62
C LEU D 75 -20.49 -10.65 3.54
N PHE D 76 -20.74 -9.76 2.59
CA PHE D 76 -21.71 -10.00 1.53
C PHE D 76 -21.21 -10.98 0.47
N VAL D 77 -19.93 -10.88 0.11
CA VAL D 77 -19.38 -11.72 -0.96
C VAL D 77 -19.23 -13.18 -0.55
N THR D 78 -19.00 -13.42 0.73
CA THR D 78 -18.84 -14.78 1.21
C THR D 78 -20.16 -15.53 1.12
N ASP D 79 -21.26 -14.80 1.28
CA ASP D 79 -22.58 -15.38 1.14
C ASP D 79 -23.02 -15.38 -0.32
N LEU D 80 -22.62 -14.34 -1.05
CA LEU D 80 -22.97 -14.22 -2.46
C LEU D 80 -22.30 -15.30 -3.30
N ALA D 81 -21.00 -15.47 -3.10
CA ALA D 81 -20.23 -16.46 -3.86
C ALA D 81 -20.70 -17.87 -3.57
N ARG D 82 -21.15 -18.10 -2.34
CA ARG D 82 -21.67 -19.41 -1.95
C ARG D 82 -23.12 -19.59 -2.38
N ALA D 83 -23.67 -18.56 -3.02
CA ALA D 83 -25.01 -18.64 -3.58
C ALA D 83 -24.94 -18.80 -5.10
N ILE D 84 -23.78 -18.46 -5.67
CA ILE D 84 -23.55 -18.58 -7.10
C ILE D 84 -23.05 -19.98 -7.47
N PRO D 85 -23.84 -20.71 -8.28
CA PRO D 85 -23.55 -22.11 -8.64
C PRO D 85 -22.39 -22.30 -9.62
N VAL D 86 -21.88 -21.22 -10.20
CA VAL D 86 -20.72 -21.33 -11.08
C VAL D 86 -19.46 -20.87 -10.34
N PRO D 87 -18.31 -21.50 -10.65
CA PRO D 87 -17.03 -21.19 -9.99
C PRO D 87 -16.67 -19.70 -10.05
N THR D 88 -16.32 -19.14 -8.90
CA THR D 88 -15.99 -17.73 -8.80
C THR D 88 -14.65 -17.49 -8.10
N GLN D 89 -13.94 -16.43 -8.54
CA GLN D 89 -12.69 -16.04 -7.91
C GLN D 89 -12.84 -14.71 -7.16
N PHE D 90 -11.96 -14.49 -6.20
CA PHE D 90 -12.04 -13.31 -5.34
C PHE D 90 -10.94 -12.28 -5.59
N GLU D 91 -11.28 -11.02 -5.39
CA GLU D 91 -10.33 -9.91 -5.47
C GLU D 91 -10.80 -8.80 -4.53
N PHE D 92 -9.87 -8.22 -3.79
CA PHE D 92 -10.24 -7.23 -2.79
C PHE D 92 -9.44 -5.93 -2.96
N MET D 93 -10.12 -4.80 -2.77
CA MET D 93 -9.46 -3.50 -2.82
C MET D 93 -9.67 -2.72 -1.54
N ALA D 94 -8.65 -1.95 -1.18
CA ALA D 94 -8.73 -1.04 -0.05
C ALA D 94 -8.61 0.38 -0.60
N VAL D 95 -9.63 1.19 -0.37
CA VAL D 95 -9.66 2.53 -0.91
C VAL D 95 -9.79 3.57 0.21
N SER D 96 -9.23 4.75 -0.01
CA SER D 96 -9.30 5.82 0.97
C SER D 96 -9.74 7.14 0.34
N SER D 97 -10.33 8.00 1.17
CA SER D 97 -10.80 9.29 0.71
C SER D 97 -9.72 10.37 0.83
N TYR D 98 -9.66 11.24 -0.18
CA TYR D 98 -8.77 12.39 -0.18
C TYR D 98 -9.42 13.49 0.66
N GLY D 99 -10.73 13.37 0.86
CA GLY D 99 -11.48 14.34 1.63
C GLY D 99 -12.41 15.14 0.74
N SER D 100 -12.48 16.44 1.04
CA SER D 100 -12.91 17.47 0.10
C SER D 100 -13.20 17.05 -1.34
N SER D 101 -12.21 16.44 -1.99
CA SER D 101 -12.31 16.12 -3.41
C SER D 101 -13.04 14.83 -3.78
N THR D 102 -12.97 13.78 -2.96
CA THR D 102 -13.76 12.58 -3.21
C THR D 102 -15.24 12.89 -3.19
N SER D 103 -15.68 13.47 -2.07
CA SER D 103 -17.07 13.80 -1.82
C SER D 103 -17.75 14.48 -3.02
N SER D 104 -16.99 15.23 -3.81
CA SER D 104 -17.57 15.87 -4.98
C SER D 104 -17.03 15.39 -6.34
N SER D 105 -15.92 14.64 -6.34
CA SER D 105 -15.38 14.09 -7.59
C SER D 105 -15.69 12.60 -7.67
N GLY D 106 -15.29 11.89 -6.62
CA GLY D 106 -15.44 10.45 -6.54
C GLY D 106 -14.12 9.77 -6.80
N VAL D 107 -13.10 10.58 -7.08
CA VAL D 107 -11.74 10.08 -7.24
C VAL D 107 -11.24 9.62 -5.89
N VAL D 108 -10.81 8.36 -5.79
CA VAL D 108 -10.40 7.81 -4.51
C VAL D 108 -8.95 7.34 -4.52
N ARG D 109 -8.36 7.28 -3.33
N ARG D 109 -8.36 7.25 -3.33
CA ARG D 109 -6.98 6.81 -3.16
CA ARG D 109 -6.98 6.82 -3.16
C ARG D 109 -6.94 5.29 -3.08
C ARG D 109 -6.91 5.30 -3.04
N ILE D 110 -5.94 4.69 -3.72
CA ILE D 110 -5.80 3.24 -3.69
C ILE D 110 -4.80 2.82 -2.61
N LEU D 111 -5.27 2.03 -1.66
CA LEU D 111 -4.43 1.52 -0.59
C LEU D 111 -4.03 0.08 -0.89
N LYS D 112 -4.88 -0.60 -1.65
CA LYS D 112 -4.63 -1.97 -2.08
C LYS D 112 -5.21 -2.24 -3.46
N ASP D 113 -4.33 -2.42 -4.44
CA ASP D 113 -4.75 -2.67 -5.81
C ASP D 113 -5.01 -4.17 -5.99
N LEU D 114 -5.45 -4.58 -7.18
CA LEU D 114 -5.67 -6.01 -7.45
C LEU D 114 -4.37 -6.80 -7.40
N ASP D 115 -4.47 -8.05 -6.99
CA ASP D 115 -3.32 -8.93 -6.89
C ASP D 115 -2.88 -9.36 -8.28
N ARG D 116 -3.84 -9.54 -9.18
CA ARG D 116 -3.56 -9.88 -10.58
C ARG D 116 -4.26 -8.94 -11.56
N ASP D 117 -3.84 -9.04 -12.81
CA ASP D 117 -4.44 -8.26 -13.89
C ASP D 117 -5.77 -8.86 -14.32
N ILE D 118 -6.73 -8.01 -14.63
CA ILE D 118 -8.06 -8.49 -15.00
C ILE D 118 -8.31 -8.38 -16.50
N HIS D 119 -7.23 -8.35 -17.28
CA HIS D 119 -7.34 -8.26 -18.72
C HIS D 119 -8.01 -9.51 -19.31
N GLY D 120 -9.09 -9.30 -20.04
CA GLY D 120 -9.81 -10.39 -20.68
C GLY D 120 -10.61 -11.25 -19.72
N ARG D 121 -10.92 -10.69 -18.55
CA ARG D 121 -11.69 -11.42 -17.55
C ARG D 121 -13.11 -10.87 -17.44
N ASP D 122 -14.06 -11.77 -17.20
CA ASP D 122 -15.41 -11.35 -16.91
C ASP D 122 -15.54 -11.04 -15.42
N VAL D 123 -15.71 -9.75 -15.13
CA VAL D 123 -15.61 -9.23 -13.77
C VAL D 123 -16.94 -8.72 -13.22
N LEU D 124 -17.22 -9.05 -11.96
CA LEU D 124 -18.42 -8.58 -11.30
C LEU D 124 -18.06 -7.74 -10.07
N ILE D 125 -18.30 -6.44 -10.18
CA ILE D 125 -18.06 -5.52 -9.07
C ILE D 125 -19.11 -5.70 -7.98
N VAL D 126 -18.67 -6.06 -6.78
CA VAL D 126 -19.58 -6.29 -5.68
C VAL D 126 -19.52 -5.20 -4.63
N GLU D 127 -20.59 -4.42 -4.51
CA GLU D 127 -20.68 -3.37 -3.51
C GLU D 127 -21.61 -3.77 -2.37
N ASP D 128 -21.48 -3.09 -1.25
CA ASP D 128 -22.34 -3.34 -0.10
C ASP D 128 -23.51 -2.35 -0.10
N VAL D 129 -23.20 -1.12 -0.50
CA VAL D 129 -24.21 -0.07 -0.60
C VAL D 129 -23.78 0.96 -1.65
N VAL D 130 -24.72 1.39 -2.47
CA VAL D 130 -24.46 2.45 -3.44
C VAL D 130 -25.30 3.66 -3.09
N ASP D 131 -24.63 4.74 -2.68
CA ASP D 131 -25.32 5.95 -2.24
C ASP D 131 -25.31 7.03 -3.32
N SER D 132 -24.20 7.74 -3.44
CA SER D 132 -24.10 8.81 -4.43
C SER D 132 -23.85 8.25 -5.83
N GLY D 133 -22.98 7.25 -5.91
CA GLY D 133 -22.65 6.64 -7.20
C GLY D 133 -21.42 7.27 -7.82
N LEU D 134 -20.71 8.09 -7.04
CA LEU D 134 -19.57 8.83 -7.58
C LEU D 134 -18.25 8.08 -7.46
N THR D 135 -18.03 7.42 -6.32
CA THR D 135 -16.84 6.59 -6.15
C THR D 135 -16.95 5.31 -6.97
N LEU D 136 -18.16 4.82 -7.14
CA LEU D 136 -18.40 3.64 -7.94
C LEU D 136 -18.16 3.91 -9.42
N SER D 137 -18.48 5.12 -9.86
CA SER D 137 -18.29 5.52 -11.25
C SER D 137 -16.81 5.61 -11.60
N TRP D 138 -16.04 6.20 -10.68
CA TRP D 138 -14.60 6.31 -10.87
C TRP D 138 -13.95 4.93 -10.84
N LEU D 139 -14.42 4.09 -9.93
CA LEU D 139 -13.92 2.73 -9.77
C LEU D 139 -14.17 1.91 -11.03
N SER D 140 -15.38 2.03 -11.57
CA SER D 140 -15.77 1.30 -12.77
C SER D 140 -14.88 1.70 -13.95
N ARG D 141 -14.56 2.98 -14.05
CA ARG D 141 -13.72 3.48 -15.12
C ARG D 141 -12.28 3.00 -14.97
N ASN D 142 -11.84 2.87 -13.72
CA ASN D 142 -10.49 2.40 -13.44
C ASN D 142 -10.30 0.95 -13.85
N LEU D 143 -11.28 0.10 -13.52
CA LEU D 143 -11.21 -1.31 -13.87
C LEU D 143 -11.41 -1.53 -15.38
N THR D 144 -12.17 -0.63 -16.00
CA THR D 144 -12.43 -0.71 -17.44
C THR D 144 -11.15 -0.42 -18.23
N SER D 145 -10.31 0.45 -17.70
CA SER D 145 -9.05 0.81 -18.34
C SER D 145 -8.07 -0.37 -18.35
N ARG D 146 -8.32 -1.36 -17.50
CA ARG D 146 -7.50 -2.56 -17.45
C ARG D 146 -7.95 -3.54 -18.51
N ASN D 147 -8.97 -3.15 -19.26
CA ASN D 147 -9.51 -3.92 -20.39
C ASN D 147 -9.93 -5.35 -20.04
N PRO D 148 -11.02 -5.49 -19.27
CA PRO D 148 -11.59 -6.80 -19.00
C PRO D 148 -12.55 -7.21 -20.12
N ARG D 149 -12.98 -8.47 -20.15
CA ARG D 149 -13.93 -8.91 -21.16
C ARG D 149 -15.31 -8.31 -20.90
N SER D 150 -15.76 -8.37 -19.65
CA SER D 150 -17.04 -7.78 -19.25
C SER D 150 -16.92 -7.20 -17.85
N LEU D 151 -17.73 -6.17 -17.57
CA LEU D 151 -17.71 -5.53 -16.26
C LEU D 151 -19.11 -5.13 -15.83
N ARG D 152 -19.63 -5.81 -14.81
CA ARG D 152 -20.95 -5.51 -14.28
C ARG D 152 -20.87 -5.21 -12.78
N VAL D 153 -21.92 -4.61 -12.24
CA VAL D 153 -21.93 -4.22 -10.83
C VAL D 153 -23.08 -4.88 -10.06
N CYS D 154 -22.75 -5.50 -8.94
CA CYS D 154 -23.76 -6.10 -8.06
C CYS D 154 -23.69 -5.51 -6.65
N THR D 155 -24.75 -4.84 -6.22
CA THR D 155 -24.80 -4.27 -4.88
C THR D 155 -25.96 -4.85 -4.08
N LEU D 156 -25.74 -5.01 -2.77
CA LEU D 156 -26.78 -5.52 -1.89
C LEU D 156 -27.82 -4.45 -1.61
N LEU D 157 -27.35 -3.24 -1.35
CA LEU D 157 -28.24 -2.14 -1.02
C LEU D 157 -28.03 -0.97 -1.97
N ARG D 158 -29.13 -0.30 -2.30
CA ARG D 158 -29.08 0.87 -3.18
C ARG D 158 -30.01 1.98 -2.65
N LYS D 159 -29.45 3.17 -2.50
CA LYS D 159 -30.21 4.31 -2.01
C LYS D 159 -30.89 5.05 -3.17
N PRO D 160 -31.97 5.80 -2.89
CA PRO D 160 -32.75 6.43 -3.97
C PRO D 160 -31.95 7.39 -4.85
N ASP D 161 -30.94 8.05 -4.30
CA ASP D 161 -30.18 9.03 -5.07
C ASP D 161 -29.08 8.36 -5.90
N ALA D 162 -28.99 7.04 -5.83
CA ALA D 162 -28.00 6.29 -6.61
C ALA D 162 -28.49 5.99 -8.03
N VAL D 163 -29.80 6.03 -8.23
CA VAL D 163 -30.39 5.81 -9.55
C VAL D 163 -30.00 6.91 -10.53
N HIS D 164 -29.39 7.98 -10.02
CA HIS D 164 -29.09 9.18 -10.78
C HIS D 164 -28.35 8.99 -12.11
N ALA D 165 -27.05 8.73 -12.08
CA ALA D 165 -26.32 8.59 -13.34
C ALA D 165 -25.03 7.77 -13.28
N ASN D 166 -24.47 7.54 -14.46
CA ASN D 166 -23.28 6.70 -14.69
C ASN D 166 -23.35 5.27 -14.15
N VAL D 167 -22.55 4.41 -14.77
CA VAL D 167 -22.44 2.95 -14.56
C VAL D 167 -23.76 2.19 -14.36
N GLU D 168 -23.85 1.05 -15.03
CA GLU D 168 -24.98 0.16 -14.92
C GLU D 168 -24.84 -0.85 -13.79
N ILE D 169 -25.74 -0.78 -12.82
CA ILE D 169 -25.73 -1.75 -11.74
C ILE D 169 -26.67 -2.88 -12.14
N ALA D 170 -26.08 -3.97 -12.61
CA ALA D 170 -26.84 -5.07 -13.18
C ALA D 170 -27.64 -5.85 -12.14
N TYR D 171 -27.07 -5.99 -10.94
CA TYR D 171 -27.70 -6.78 -9.90
C TYR D 171 -27.91 -5.97 -8.62
N VAL D 172 -29.17 -5.79 -8.25
CA VAL D 172 -29.50 -5.09 -7.02
C VAL D 172 -30.27 -6.03 -6.10
N GLY D 173 -29.81 -6.15 -4.86
CA GLY D 173 -30.47 -6.99 -3.87
C GLY D 173 -31.70 -6.33 -3.28
N PHE D 174 -31.53 -5.13 -2.73
CA PHE D 174 -32.64 -4.40 -2.10
C PHE D 174 -32.67 -2.91 -2.37
N ASP D 175 -33.88 -2.35 -2.46
CA ASP D 175 -34.09 -0.89 -2.51
C ASP D 175 -34.45 -0.33 -1.15
N ILE D 176 -33.51 0.41 -0.59
CA ILE D 176 -33.67 0.99 0.72
C ILE D 176 -33.77 2.50 0.58
N PRO D 177 -34.44 3.15 1.54
CA PRO D 177 -34.52 4.61 1.58
C PRO D 177 -33.14 5.19 1.84
N ASN D 178 -32.99 6.49 1.67
CA ASN D 178 -31.68 7.12 1.85
C ASN D 178 -31.42 7.43 3.31
N ASP D 179 -31.44 6.42 4.16
CA ASP D 179 -31.12 6.62 5.57
C ASP D 179 -29.95 5.75 5.98
N PHE D 180 -29.22 6.21 6.97
CA PHE D 180 -28.01 5.54 7.42
C PHE D 180 -28.38 4.26 8.18
N VAL D 181 -28.04 3.13 7.59
CA VAL D 181 -28.37 1.83 8.17
C VAL D 181 -27.09 1.07 8.47
N VAL D 182 -27.13 0.24 9.51
CA VAL D 182 -26.00 -0.58 9.87
C VAL D 182 -26.40 -2.05 9.89
N GLY D 183 -25.40 -2.92 9.98
CA GLY D 183 -25.65 -4.35 10.00
C GLY D 183 -25.22 -5.02 8.71
N TYR D 184 -24.83 -6.28 8.82
CA TYR D 184 -24.38 -7.09 7.69
C TYR D 184 -23.26 -6.39 6.93
N GLY D 185 -22.21 -6.03 7.67
CA GLY D 185 -21.06 -5.36 7.08
C GLY D 185 -21.07 -3.86 7.25
N LEU D 186 -22.27 -3.26 7.22
CA LEU D 186 -22.40 -1.82 7.39
C LEU D 186 -22.10 -1.42 8.82
N ASP D 187 -21.31 -0.35 8.98
CA ASP D 187 -20.82 0.04 10.28
C ASP D 187 -21.10 1.48 10.68
N TYR D 188 -20.88 1.76 11.95
CA TYR D 188 -20.73 3.12 12.43
C TYR D 188 -19.55 3.08 13.40
N ASP D 189 -18.41 3.60 12.95
CA ASP D 189 -17.14 3.48 13.68
C ASP D 189 -16.79 2.01 13.93
N GLU D 190 -16.82 1.20 12.86
CA GLU D 190 -16.41 -0.20 12.92
C GLU D 190 -17.27 -1.07 13.83
N ARG D 191 -18.46 -0.58 14.16
CA ARG D 191 -19.37 -1.33 15.00
C ARG D 191 -20.54 -1.82 14.17
N TYR D 192 -21.35 -2.70 14.75
CA TYR D 192 -22.56 -3.22 14.12
C TYR D 192 -22.31 -4.00 12.82
N ARG D 193 -21.05 -4.27 12.49
CA ARG D 193 -20.73 -5.02 11.28
C ARG D 193 -21.13 -6.48 11.37
N ASP D 194 -21.00 -7.03 12.57
CA ASP D 194 -21.21 -8.46 12.78
C ASP D 194 -22.68 -8.86 12.85
N LEU D 195 -23.57 -7.90 12.70
CA LEU D 195 -25.01 -8.18 12.68
C LEU D 195 -25.41 -9.02 11.49
N SER D 196 -26.36 -9.92 11.70
CA SER D 196 -26.86 -10.78 10.64
C SER D 196 -28.03 -10.12 9.93
N TYR D 197 -28.50 -9.00 10.51
CA TYR D 197 -29.62 -8.27 9.94
C TYR D 197 -29.21 -6.83 9.65
N ILE D 198 -30.05 -6.12 8.89
CA ILE D 198 -29.79 -4.72 8.56
C ILE D 198 -30.89 -3.85 9.14
N GLY D 199 -30.49 -2.85 9.94
CA GLY D 199 -31.44 -2.01 10.62
C GLY D 199 -30.97 -0.57 10.76
N THR D 200 -31.81 0.25 11.38
CA THR D 200 -31.50 1.67 11.53
C THR D 200 -31.04 1.95 12.96
N LEU D 201 -30.05 2.84 13.08
CA LEU D 201 -29.52 3.19 14.39
C LEU D 201 -30.43 4.20 15.08
N ASP D 202 -30.30 4.27 16.40
CA ASP D 202 -31.03 5.25 17.19
C ASP D 202 -30.14 6.46 17.39
N PRO D 203 -30.56 7.64 16.91
CA PRO D 203 -29.69 8.82 16.85
C PRO D 203 -29.01 9.16 18.18
N ARG D 204 -29.41 8.51 19.27
CA ARG D 204 -28.71 8.68 20.54
C ARG D 204 -27.54 7.70 20.64
N VAL D 205 -26.91 7.44 19.49
CA VAL D 205 -25.69 6.64 19.43
C VAL D 205 -24.52 7.50 18.96
#